data_5XXQ
#
_entry.id   5XXQ
#
_cell.length_a   75.960
_cell.length_b   59.780
_cell.length_c   102.560
_cell.angle_alpha   90.000
_cell.angle_beta   95.070
_cell.angle_gamma   90.000
#
_symmetry.space_group_name_H-M   'P 1 21 1'
#
loop_
_entity.id
_entity.type
_entity.pdbx_description
1 polymer 'Histone-binding protein RBBP4'
2 polymer 'Zinc finger protein 827'
3 water water
#
loop_
_entity_poly.entity_id
_entity_poly.type
_entity_poly.pdbx_seq_one_letter_code
_entity_poly.pdbx_strand_id
1 'polypeptide(L)'
;MSYYHHHHHHDYDIPTTENLYFQGAMGSGIQMADKEAAFDDAVEERVINEEYKIWKKNTPFLYDLVMTHALEWPSLTAQW
LPDVTRPEGKDFSIHRLVLGTHTSDEQNHLVIASVQLPNDDAQFDASHYDSEKGEFGGFGSVSGKIEIEIKINHEGEVNR
ARYMPQNPCIIATKTPSSDVLVFDYTKHPSKPDPSGECNPDLRLRGHQKEGYGLSWNPNLSGHLLSASDDHTICLWDISA
VPKEGKVVDAKTIFTGHTAVVEDVSWHLLHESLFGSVADDQKLMIWDTRSNNTSKPSHSVDAHTAEVNCLSFNPYSEFIL
ATGSADKTVALWDLRNLKLKLHSFESHKDEIFQVQWSPHNETILASSGTDRRLNVWDLSKIGEEQSPEDAEDGPPELLFI
HGGHTAKISDFSWNPNEPWVICSVSEDNIMQVWQMAENIYNDEDPEGSVDPEGQGS
;
A,B
2 'polypeptide(L)' MPRRKQEQPKRLPS C,D
#
# COMPACT_ATOMS: atom_id res chain seq x y z
N ALA A 37 -23.14 -24.79 5.20
CA ALA A 37 -22.38 -23.56 4.94
C ALA A 37 -21.25 -23.82 3.96
N ALA A 38 -21.12 -22.91 2.99
CA ALA A 38 -20.07 -22.91 1.95
C ALA A 38 -20.11 -24.16 1.07
N PHE A 39 -21.27 -24.85 1.04
CA PHE A 39 -21.47 -26.04 0.23
C PHE A 39 -21.95 -25.69 -1.16
N ASP A 40 -22.84 -24.70 -1.27
CA ASP A 40 -23.30 -24.24 -2.58
C ASP A 40 -22.17 -23.75 -3.46
N ASP A 41 -21.02 -23.39 -2.87
CA ASP A 41 -19.86 -23.02 -3.66
C ASP A 41 -19.23 -24.21 -4.35
N ALA A 42 -19.70 -25.43 -4.07
CA ALA A 42 -19.13 -26.63 -4.65
C ALA A 42 -19.92 -27.13 -5.86
N VAL A 43 -21.25 -27.00 -5.84
CA VAL A 43 -22.05 -27.45 -6.96
C VAL A 43 -22.10 -26.39 -8.05
N GLU A 44 -22.08 -25.10 -7.67
CA GLU A 44 -21.96 -24.05 -8.68
C GLU A 44 -20.68 -24.19 -9.48
N GLU A 45 -19.61 -24.66 -8.86
CA GLU A 45 -18.42 -25.01 -9.63
C GLU A 45 -18.72 -26.14 -10.62
N ARG A 46 -19.44 -27.18 -10.16
CA ARG A 46 -19.78 -28.29 -11.04
C ARG A 46 -20.62 -27.82 -12.23
N VAL A 47 -21.54 -26.87 -11.99
CA VAL A 47 -22.37 -26.38 -13.10
C VAL A 47 -21.56 -25.44 -13.99
N ILE A 48 -20.70 -24.61 -13.41
CA ILE A 48 -19.82 -23.76 -14.20
C ILE A 48 -19.00 -24.61 -15.17
N ASN A 49 -18.40 -25.68 -14.65
CA ASN A 49 -17.56 -26.53 -15.47
C ASN A 49 -18.34 -27.18 -16.61
N GLU A 50 -19.63 -27.47 -16.40
CA GLU A 50 -20.41 -28.09 -17.47
C GLU A 50 -20.79 -27.08 -18.54
N GLU A 51 -21.15 -25.86 -18.14
CA GLU A 51 -21.51 -24.83 -19.11
C GLU A 51 -20.29 -24.39 -19.93
N TYR A 52 -19.09 -24.50 -19.35
CA TYR A 52 -17.88 -24.16 -20.07
C TYR A 52 -17.55 -25.23 -21.10
N LYS A 53 -17.85 -26.49 -20.78
CA LYS A 53 -17.73 -27.56 -21.77
C LYS A 53 -18.63 -27.28 -22.98
N ILE A 54 -19.88 -26.88 -22.73
CA ILE A 54 -20.78 -26.58 -23.85
C ILE A 54 -20.26 -25.39 -24.64
N TRP A 55 -19.74 -24.37 -23.95
CA TRP A 55 -19.26 -23.17 -24.63
C TRP A 55 -18.05 -23.47 -25.51
N LYS A 56 -17.10 -24.28 -25.03
CA LYS A 56 -15.98 -24.68 -25.86
C LYS A 56 -16.45 -25.37 -27.15
N LYS A 57 -17.48 -26.21 -27.03
CA LYS A 57 -17.98 -26.99 -28.17
C LYS A 57 -18.57 -26.09 -29.25
N ASN A 58 -19.16 -24.97 -28.88
CA ASN A 58 -19.86 -24.09 -29.80
C ASN A 58 -19.00 -22.94 -30.32
N THR A 59 -17.75 -22.81 -29.86
CA THR A 59 -16.96 -21.65 -30.27
C THR A 59 -16.85 -21.50 -31.79
N PRO A 60 -16.73 -22.56 -32.60
CA PRO A 60 -16.62 -22.33 -34.06
C PRO A 60 -17.81 -21.62 -34.67
N PHE A 61 -19.00 -21.72 -34.06
CA PHE A 61 -20.17 -21.05 -34.61
C PHE A 61 -20.34 -19.63 -34.07
N LEU A 62 -19.90 -19.37 -32.85
CA LEU A 62 -20.17 -18.10 -32.20
C LEU A 62 -19.03 -17.10 -32.32
N TYR A 63 -17.85 -17.53 -32.72
CA TYR A 63 -16.66 -16.70 -32.63
C TYR A 63 -15.90 -16.72 -33.95
N ASP A 64 -15.34 -15.56 -34.29
CA ASP A 64 -14.32 -15.50 -35.33
C ASP A 64 -12.91 -15.58 -34.77
N LEU A 65 -12.75 -15.34 -33.47
CA LEU A 65 -11.45 -15.38 -32.82
C LEU A 65 -11.65 -15.71 -31.35
N VAL A 66 -10.92 -16.71 -30.84
CA VAL A 66 -10.81 -16.96 -29.40
C VAL A 66 -9.36 -17.32 -29.11
N MET A 67 -8.74 -16.57 -28.21
CA MET A 67 -7.41 -16.85 -27.66
C MET A 67 -7.50 -16.80 -26.15
N THR A 68 -7.02 -17.83 -25.46
CA THR A 68 -7.01 -17.85 -23.99
C THR A 68 -5.56 -17.94 -23.50
N HIS A 69 -5.22 -17.14 -22.48
CA HIS A 69 -3.89 -17.14 -21.89
C HIS A 69 -3.98 -17.09 -20.36
N ALA A 70 -3.22 -17.94 -19.65
CA ALA A 70 -3.27 -17.89 -18.18
C ALA A 70 -2.10 -17.06 -17.68
N LEU A 71 -2.41 -15.98 -16.97
CA LEU A 71 -1.34 -15.17 -16.41
C LEU A 71 -0.83 -15.79 -15.10
N GLU A 72 0.43 -15.48 -14.77
CA GLU A 72 1.03 -16.00 -13.53
C GLU A 72 0.18 -15.62 -12.33
N TRP A 73 -0.25 -14.36 -12.27
CA TRP A 73 -1.18 -13.84 -11.29
C TRP A 73 -2.36 -13.20 -11.99
N PRO A 74 -3.53 -13.15 -11.35
CA PRO A 74 -4.67 -12.46 -11.95
C PRO A 74 -4.40 -10.97 -12.11
N SER A 75 -4.95 -10.40 -13.18
CA SER A 75 -5.03 -8.97 -13.33
C SER A 75 -6.39 -8.47 -12.91
N LEU A 76 -6.41 -7.37 -12.12
CA LEU A 76 -7.61 -6.58 -11.87
C LEU A 76 -7.94 -5.59 -12.97
N THR A 77 -7.06 -5.41 -13.97
CA THR A 77 -7.22 -4.32 -14.89
C THR A 77 -6.88 -4.76 -16.32
N ALA A 78 -7.57 -4.19 -17.31
CA ALA A 78 -7.07 -4.38 -18.67
C ALA A 78 -7.45 -3.21 -19.54
N GLN A 79 -6.55 -2.81 -20.45
CA GLN A 79 -6.83 -1.75 -21.40
C GLN A 79 -5.87 -1.91 -22.57
N TRP A 80 -6.41 -1.99 -23.79
CA TRP A 80 -5.58 -1.98 -24.99
C TRP A 80 -4.88 -0.64 -25.13
N LEU A 81 -3.59 -0.68 -25.47
CA LEU A 81 -2.89 0.50 -25.90
C LEU A 81 -3.35 0.88 -27.31
N PRO A 82 -3.24 2.15 -27.70
CA PRO A 82 -3.87 2.57 -28.96
C PRO A 82 -3.05 2.28 -30.20
N ASP A 83 -1.83 1.80 -30.09
CA ASP A 83 -1.01 1.68 -31.27
C ASP A 83 -0.81 0.22 -31.64
N VAL A 84 -0.62 0.01 -32.93
CA VAL A 84 -0.45 -1.31 -33.53
C VAL A 84 0.82 -1.26 -34.36
N THR A 85 1.55 -2.37 -34.40
CA THR A 85 2.65 -2.55 -35.34
C THR A 85 2.24 -3.58 -36.39
N ARG A 86 2.40 -3.23 -37.67
CA ARG A 86 2.01 -4.13 -38.76
C ARG A 86 3.27 -4.57 -39.51
N PRO A 87 3.98 -5.60 -39.05
CA PRO A 87 5.28 -5.91 -39.63
C PRO A 87 5.15 -6.30 -41.09
N GLU A 88 6.28 -6.11 -41.81
CA GLU A 88 6.30 -6.16 -43.27
C GLU A 88 5.86 -7.52 -43.79
N GLY A 89 4.79 -7.51 -44.59
CA GLY A 89 4.38 -8.70 -45.34
C GLY A 89 4.12 -9.93 -44.51
N LYS A 90 3.57 -9.75 -43.31
CA LYS A 90 3.13 -10.88 -42.49
C LYS A 90 1.64 -10.72 -42.19
N ASP A 91 0.99 -11.86 -41.94
CA ASP A 91 -0.47 -11.97 -41.93
C ASP A 91 -1.11 -11.52 -40.61
N PHE A 92 -0.36 -10.93 -39.70
CA PHE A 92 -0.91 -10.52 -38.40
C PHE A 92 -0.38 -9.13 -38.06
N SER A 93 -0.89 -8.57 -36.98
CA SER A 93 -0.34 -7.33 -36.44
C SER A 93 -0.20 -7.45 -34.92
N ILE A 94 0.65 -6.61 -34.32
CA ILE A 94 0.98 -6.74 -32.90
C ILE A 94 0.33 -5.60 -32.13
N HIS A 95 -0.53 -5.97 -31.19
CA HIS A 95 -1.26 -5.05 -30.33
C HIS A 95 -0.73 -5.20 -28.91
N ARG A 96 -0.95 -4.20 -28.09
CA ARG A 96 -0.46 -4.25 -26.72
C ARG A 96 -1.54 -3.89 -25.72
N LEU A 97 -1.35 -4.41 -24.52
CA LEU A 97 -2.29 -4.33 -23.40
C LEU A 97 -1.56 -3.87 -22.16
N VAL A 98 -2.19 -2.95 -21.42
CA VAL A 98 -1.80 -2.68 -20.04
C VAL A 98 -2.51 -3.67 -19.13
N LEU A 99 -1.76 -4.39 -18.30
CA LEU A 99 -2.28 -5.30 -17.29
C LEU A 99 -1.61 -5.01 -15.97
N GLY A 100 -2.09 -5.63 -14.90
CA GLY A 100 -1.35 -5.60 -13.65
C GLY A 100 -1.34 -6.94 -12.93
N THR A 101 -0.80 -6.99 -11.72
CA THR A 101 -0.87 -8.19 -10.91
C THR A 101 -1.73 -7.95 -9.69
N HIS A 102 -2.16 -9.05 -9.14
CA HIS A 102 -2.83 -9.06 -7.84
C HIS A 102 -2.29 -10.32 -7.17
N THR A 103 -1.23 -10.15 -6.34
CA THR A 103 -0.57 -11.31 -5.78
C THR A 103 -1.07 -11.51 -4.35
N SER A 104 -0.67 -12.60 -3.76
CA SER A 104 -0.78 -12.76 -2.31
C SER A 104 0.64 -12.81 -1.76
N ASP A 105 1.08 -11.69 -1.18
CA ASP A 105 2.39 -11.58 -0.51
C ASP A 105 3.59 -11.84 -1.44
N GLU A 106 3.46 -11.45 -2.70
CA GLU A 106 4.57 -11.50 -3.63
C GLU A 106 4.67 -10.14 -4.31
N GLN A 107 5.85 -9.82 -4.79
CA GLN A 107 6.05 -8.56 -5.51
C GLN A 107 5.02 -8.44 -6.64
N ASN A 108 4.34 -7.29 -6.70
CA ASN A 108 3.41 -6.98 -7.78
C ASN A 108 4.10 -6.21 -8.91
N HIS A 109 3.49 -6.24 -10.11
CA HIS A 109 4.02 -5.48 -11.23
C HIS A 109 2.90 -4.87 -12.08
N LEU A 110 3.18 -3.67 -12.58
CA LEU A 110 2.50 -3.16 -13.77
C LEU A 110 3.07 -3.83 -15.00
N VAL A 111 2.19 -4.25 -15.92
CA VAL A 111 2.53 -5.19 -17.00
C VAL A 111 2.06 -4.64 -18.33
N ILE A 112 2.95 -4.65 -19.35
CA ILE A 112 2.61 -4.43 -20.74
C ILE A 112 2.77 -5.76 -21.47
N ALA A 113 1.69 -6.28 -22.03
CA ALA A 113 1.77 -7.48 -22.85
C ALA A 113 1.51 -7.15 -24.32
N SER A 114 2.00 -8.02 -25.19
CA SER A 114 1.82 -7.90 -26.63
C SER A 114 0.95 -9.06 -27.10
N VAL A 115 0.06 -8.78 -28.06
CA VAL A 115 -0.82 -9.79 -28.64
C VAL A 115 -0.70 -9.71 -30.15
N GLN A 116 -0.45 -10.84 -30.81
CA GLN A 116 -0.52 -10.93 -32.27
C GLN A 116 -1.95 -11.23 -32.70
N LEU A 117 -2.55 -10.36 -33.54
CA LEU A 117 -3.89 -10.56 -34.06
C LEU A 117 -3.85 -10.69 -35.57
N PRO A 118 -4.61 -11.61 -36.15
CA PRO A 118 -4.69 -11.67 -37.62
C PRO A 118 -5.26 -10.39 -38.22
N ASN A 119 -4.89 -10.12 -39.48
CA ASN A 119 -5.37 -8.93 -40.20
C ASN A 119 -6.82 -9.09 -40.65
N LYS A 145 -0.09 -15.23 -30.62
CA LYS A 145 0.90 -15.28 -29.56
C LYS A 145 0.73 -14.12 -28.58
N ILE A 146 0.86 -14.42 -27.29
CA ILE A 146 0.69 -13.46 -26.19
C ILE A 146 1.93 -13.53 -25.30
N GLU A 147 2.67 -12.43 -25.22
CA GLU A 147 3.90 -12.38 -24.46
C GLU A 147 3.89 -11.15 -23.56
N ILE A 148 4.45 -11.30 -22.37
CA ILE A 148 4.75 -10.17 -21.51
C ILE A 148 5.95 -9.42 -22.07
N GLU A 149 5.85 -8.11 -22.19
CA GLU A 149 6.95 -7.35 -22.78
C GLU A 149 7.68 -6.49 -21.76
N ILE A 150 6.98 -6.00 -20.72
CA ILE A 150 7.56 -5.13 -19.71
C ILE A 150 6.87 -5.42 -18.38
N LYS A 151 7.64 -5.52 -17.29
CA LYS A 151 7.09 -5.54 -15.93
C LYS A 151 7.80 -4.47 -15.10
N ILE A 152 7.00 -3.59 -14.50
CA ILE A 152 7.50 -2.50 -13.65
C ILE A 152 7.11 -2.80 -12.21
N ASN A 153 8.05 -2.62 -11.27
CA ASN A 153 7.73 -2.88 -9.85
C ASN A 153 6.63 -1.95 -9.37
N HIS A 154 5.63 -2.50 -8.64
CA HIS A 154 4.45 -1.76 -8.22
C HIS A 154 4.14 -2.12 -6.77
N GLU A 155 3.80 -1.11 -5.94
CA GLU A 155 3.57 -1.31 -4.50
C GLU A 155 2.15 -1.82 -4.33
N GLY A 156 2.03 -3.09 -3.97
CA GLY A 156 0.70 -3.68 -3.87
C GLY A 156 0.11 -3.96 -5.21
N GLU A 157 -1.07 -4.58 -5.16
CA GLU A 157 -1.73 -4.97 -6.40
C GLU A 157 -2.12 -3.73 -7.23
N VAL A 158 -2.31 -3.95 -8.52
CA VAL A 158 -2.68 -2.88 -9.44
C VAL A 158 -4.21 -2.83 -9.51
N ASN A 159 -4.85 -1.88 -8.78
CA ASN A 159 -6.32 -1.89 -8.71
C ASN A 159 -6.89 -1.57 -10.07
N ARG A 160 -6.20 -0.71 -10.83
CA ARG A 160 -6.61 -0.20 -12.12
C ARG A 160 -5.42 0.53 -12.73
N ALA A 161 -5.24 0.39 -14.05
CA ALA A 161 -4.21 1.15 -14.75
C ALA A 161 -4.79 1.69 -16.06
N ARG A 162 -4.56 2.96 -16.33
CA ARG A 162 -5.16 3.62 -17.53
C ARG A 162 -4.08 4.49 -18.18
N TYR A 163 -3.95 4.40 -19.51
CA TYR A 163 -2.92 5.17 -20.20
C TYR A 163 -3.47 6.56 -20.53
N MET A 164 -2.58 7.51 -20.69
CA MET A 164 -3.00 8.89 -20.93
C MET A 164 -3.28 9.06 -22.42
N PRO A 165 -4.49 9.50 -22.82
CA PRO A 165 -4.79 9.57 -24.28
C PRO A 165 -3.79 10.36 -25.08
N GLN A 166 -3.39 11.54 -24.58
CA GLN A 166 -2.41 12.38 -25.25
C GLN A 166 -1.00 11.79 -25.26
N ASN A 167 -0.69 10.81 -24.44
CA ASN A 167 0.67 10.27 -24.46
C ASN A 167 0.57 8.89 -23.83
N PRO A 168 0.37 7.86 -24.64
CA PRO A 168 0.05 6.54 -24.07
C PRO A 168 1.25 5.85 -23.43
N CYS A 169 2.44 6.46 -23.46
CA CYS A 169 3.55 5.98 -22.63
C CYS A 169 3.33 6.23 -21.15
N ILE A 170 2.37 7.08 -20.82
CA ILE A 170 2.14 7.57 -19.47
C ILE A 170 0.97 6.77 -18.90
N ILE A 171 1.21 6.02 -17.85
CA ILE A 171 0.18 5.13 -17.30
C ILE A 171 -0.03 5.48 -15.84
N ALA A 172 -1.29 5.72 -15.46
CA ALA A 172 -1.69 5.98 -14.09
C ALA A 172 -2.16 4.67 -13.43
N THR A 173 -1.84 4.47 -12.13
CA THR A 173 -2.33 3.28 -11.44
C THR A 173 -2.86 3.62 -10.05
N LYS A 174 -3.74 2.75 -9.56
CA LYS A 174 -4.33 2.85 -8.24
C LYS A 174 -3.72 1.78 -7.35
N THR A 175 -3.16 2.17 -6.18
CA THR A 175 -2.52 1.24 -5.27
C THR A 175 -3.38 1.05 -4.01
N PRO A 176 -3.21 -0.07 -3.30
CA PRO A 176 -3.97 -0.29 -2.05
C PRO A 176 -3.65 0.73 -0.98
N SER A 177 -2.45 1.33 -1.02
CA SER A 177 -2.01 2.29 -0.02
C SER A 177 -2.65 3.66 -0.18
N SER A 178 -3.47 3.84 -1.20
CA SER A 178 -4.28 4.99 -1.58
C SER A 178 -3.50 5.94 -2.51
N ASP A 179 -2.19 5.76 -2.66
CA ASP A 179 -1.43 6.52 -3.64
C ASP A 179 -1.96 6.25 -5.04
N VAL A 180 -2.00 7.30 -5.85
CA VAL A 180 -2.14 7.12 -7.30
C VAL A 180 -0.77 7.32 -7.90
N LEU A 181 -0.30 6.34 -8.69
CA LEU A 181 1.04 6.37 -9.24
C LEU A 181 1.00 6.64 -10.74
N VAL A 182 2.09 7.22 -11.25
CA VAL A 182 2.19 7.58 -12.68
C VAL A 182 3.53 7.07 -13.17
N PHE A 183 3.49 6.23 -14.21
CA PHE A 183 4.68 5.66 -14.79
C PHE A 183 4.75 6.14 -16.23
N ASP A 184 5.95 6.50 -16.68
CA ASP A 184 6.26 6.59 -18.12
C ASP A 184 7.00 5.30 -18.39
N TYR A 185 6.33 4.33 -19.03
CA TYR A 185 6.90 2.99 -19.09
C TYR A 185 8.15 2.89 -19.98
N THR A 186 8.40 3.90 -20.81
CA THR A 186 9.64 3.90 -21.55
C THR A 186 10.81 4.38 -20.71
N LYS A 187 10.58 4.85 -19.50
CA LYS A 187 11.66 5.28 -18.61
C LYS A 187 12.02 4.18 -17.61
N HIS A 188 11.68 2.93 -17.91
CA HIS A 188 11.94 1.81 -17.02
C HIS A 188 12.48 0.68 -17.87
N PRO A 189 13.42 -0.09 -17.34
CA PRO A 189 13.89 -1.29 -18.06
C PRO A 189 12.72 -2.25 -18.23
N SER A 190 12.81 -3.11 -19.25
CA SER A 190 11.73 -4.06 -19.45
C SER A 190 11.71 -5.12 -18.34
N LYS A 191 12.92 -5.50 -17.80
CA LYS A 191 12.96 -6.42 -16.65
C LYS A 191 12.99 -5.64 -15.34
N PRO A 192 12.18 -5.96 -14.35
CA PRO A 192 12.04 -5.06 -13.21
C PRO A 192 13.24 -5.10 -12.26
N ASP A 193 13.42 -3.99 -11.54
CA ASP A 193 14.48 -3.87 -10.56
C ASP A 193 14.41 -5.03 -9.55
N PRO A 194 15.42 -5.89 -9.52
CA PRO A 194 15.37 -7.06 -8.62
C PRO A 194 15.15 -6.72 -7.16
N SER A 195 15.41 -5.48 -6.74
CA SER A 195 15.11 -5.05 -5.38
C SER A 195 13.63 -5.13 -5.07
N GLY A 196 12.79 -5.08 -6.10
CA GLY A 196 11.38 -4.90 -5.93
C GLY A 196 10.96 -3.48 -5.60
N GLU A 197 11.89 -2.53 -5.49
CA GLU A 197 11.45 -1.23 -5.02
C GLU A 197 10.72 -0.51 -6.16
N CYS A 198 9.65 0.17 -5.79
CA CYS A 198 8.79 0.85 -6.75
C CYS A 198 9.30 2.28 -6.93
N ASN A 199 9.52 2.68 -8.19
CA ASN A 199 10.09 4.00 -8.48
C ASN A 199 9.21 4.70 -9.51
N PRO A 200 8.04 5.16 -9.08
CA PRO A 200 7.10 5.79 -10.01
C PRO A 200 7.59 7.17 -10.38
N ASP A 201 7.15 7.63 -11.54
CA ASP A 201 7.60 8.90 -12.07
C ASP A 201 6.86 10.06 -11.41
N LEU A 202 5.62 9.85 -10.95
CA LEU A 202 4.95 10.76 -10.02
C LEU A 202 4.24 9.92 -8.97
N ARG A 203 4.05 10.50 -7.80
CA ARG A 203 3.15 10.01 -6.78
C ARG A 203 2.12 11.08 -6.53
N LEU A 204 0.85 10.72 -6.61
CA LEU A 204 -0.23 11.68 -6.55
C LEU A 204 -0.96 11.41 -5.25
N ARG A 205 -0.94 12.40 -4.36
CA ARG A 205 -1.49 12.27 -3.02
C ARG A 205 -2.81 13.02 -2.93
N GLY A 206 -3.70 12.52 -2.07
CA GLY A 206 -4.95 13.22 -1.86
C GLY A 206 -5.94 12.31 -1.22
N HIS A 207 -5.84 11.00 -1.49
CA HIS A 207 -6.84 10.07 -0.98
C HIS A 207 -6.39 9.59 0.38
N GLN A 208 -7.36 9.19 1.20
CA GLN A 208 -7.06 8.53 2.46
C GLN A 208 -7.34 7.03 2.39
N LYS A 209 -7.91 6.53 1.30
CA LYS A 209 -8.10 5.09 1.15
C LYS A 209 -7.93 4.74 -0.31
N GLU A 210 -7.74 3.45 -0.56
CA GLU A 210 -7.68 2.98 -1.94
C GLU A 210 -8.99 3.17 -2.71
N GLY A 211 -8.90 3.02 -4.03
CA GLY A 211 -10.07 3.10 -4.87
C GLY A 211 -9.85 2.43 -6.20
N TYR A 212 -10.75 2.71 -7.13
CA TYR A 212 -10.72 2.09 -8.44
C TYR A 212 -10.84 3.06 -9.60
N GLY A 213 -11.84 3.95 -9.62
CA GLY A 213 -12.05 4.77 -10.82
C GLY A 213 -10.85 5.66 -11.09
N LEU A 214 -10.56 5.85 -12.37
CA LEU A 214 -9.39 6.57 -12.80
C LEU A 214 -9.75 7.06 -14.19
N SER A 215 -9.60 8.35 -14.47
CA SER A 215 -9.95 8.89 -15.78
C SER A 215 -9.10 10.08 -16.19
N TRP A 216 -8.42 9.98 -17.33
CA TRP A 216 -7.66 11.09 -17.88
C TRP A 216 -8.56 11.97 -18.74
N ASN A 217 -8.44 13.29 -18.59
CA ASN A 217 -9.23 14.18 -19.46
C ASN A 217 -8.68 14.14 -20.88
N PRO A 218 -9.44 13.68 -21.90
CA PRO A 218 -8.93 13.64 -23.27
C PRO A 218 -8.87 15.00 -23.94
N ASN A 219 -9.32 16.07 -23.30
CA ASN A 219 -9.26 17.40 -23.87
C ASN A 219 -8.33 18.31 -23.12
N LEU A 220 -7.97 18.00 -21.87
CA LEU A 220 -7.06 18.82 -21.08
C LEU A 220 -5.94 17.90 -20.60
N SER A 221 -4.79 18.02 -21.25
CA SER A 221 -3.73 17.05 -21.04
C SER A 221 -3.21 17.09 -19.60
N GLY A 222 -3.13 15.92 -18.99
CA GLY A 222 -2.56 15.84 -17.66
C GLY A 222 -3.56 16.00 -16.52
N HIS A 223 -4.84 16.23 -16.82
CA HIS A 223 -5.88 16.43 -15.82
C HIS A 223 -6.50 15.08 -15.50
N LEU A 224 -6.17 14.52 -14.32
CA LEU A 224 -6.52 13.16 -13.99
C LEU A 224 -7.49 13.16 -12.80
N LEU A 225 -8.57 12.40 -12.95
CA LEU A 225 -9.55 12.13 -11.91
C LEU A 225 -9.35 10.76 -11.30
N SER A 226 -9.67 10.66 -10.00
CA SER A 226 -9.57 9.41 -9.29
C SER A 226 -10.68 9.28 -8.22
N ALA A 227 -11.33 8.12 -8.16
CA ALA A 227 -12.40 7.85 -7.18
C ALA A 227 -11.87 6.94 -6.08
N SER A 228 -12.28 7.17 -4.81
CA SER A 228 -11.76 6.31 -3.77
C SER A 228 -12.82 5.88 -2.77
N ASP A 229 -12.52 4.77 -2.13
CA ASP A 229 -13.34 4.32 -1.00
C ASP A 229 -13.38 5.34 0.11
N ASP A 230 -12.56 6.40 0.10
CA ASP A 230 -12.68 7.42 1.14
C ASP A 230 -13.86 8.37 0.89
N HIS A 231 -14.68 8.09 -0.11
CA HIS A 231 -15.87 8.85 -0.47
C HIS A 231 -15.56 10.10 -1.27
N THR A 232 -14.33 10.27 -1.77
CA THR A 232 -13.94 11.49 -2.44
C THR A 232 -13.44 11.17 -3.85
N ILE A 233 -13.47 12.22 -4.65
CA ILE A 233 -12.89 12.25 -5.97
C ILE A 233 -11.77 13.27 -5.95
N CYS A 234 -10.58 12.86 -6.37
CA CYS A 234 -9.44 13.77 -6.45
C CYS A 234 -9.14 14.14 -7.90
N LEU A 235 -8.78 15.39 -8.11
CA LEU A 235 -8.30 15.89 -9.40
C LEU A 235 -6.85 16.34 -9.27
N TRP A 236 -5.98 15.86 -10.17
CA TRP A 236 -4.62 16.38 -10.30
C TRP A 236 -4.43 16.97 -11.68
N ASP A 237 -3.67 18.04 -11.76
CA ASP A 237 -3.17 18.54 -13.03
C ASP A 237 -1.65 18.36 -13.04
N ILE A 238 -1.17 17.32 -13.74
CA ILE A 238 0.27 17.04 -13.75
C ILE A 238 0.97 17.63 -14.96
N SER A 239 0.28 18.47 -15.73
CA SER A 239 0.78 18.80 -17.05
C SER A 239 2.11 19.54 -17.01
N ALA A 240 2.38 20.35 -15.96
CA ALA A 240 3.62 21.09 -15.85
C ALA A 240 4.51 20.61 -14.70
N VAL A 241 4.35 19.36 -14.28
CA VAL A 241 5.10 18.77 -13.18
C VAL A 241 6.15 17.83 -13.76
N PRO A 242 7.43 18.10 -13.60
CA PRO A 242 8.43 17.19 -14.17
C PRO A 242 8.29 15.80 -13.57
N LYS A 243 8.39 14.81 -14.44
CA LYS A 243 8.14 13.40 -14.06
C LYS A 243 9.41 12.75 -13.50
N GLU A 244 9.91 13.28 -12.36
CA GLU A 244 11.15 12.83 -11.75
C GLU A 244 10.94 12.29 -10.33
N GLY A 245 9.83 11.62 -10.10
CA GLY A 245 9.51 11.16 -8.76
C GLY A 245 8.94 12.20 -7.82
N LYS A 246 8.47 13.32 -8.32
CA LYS A 246 7.80 14.31 -7.50
C LYS A 246 6.50 13.77 -6.92
N VAL A 247 6.15 14.29 -5.76
CA VAL A 247 4.85 14.07 -5.14
C VAL A 247 3.98 15.28 -5.46
N VAL A 248 2.77 15.04 -5.93
CA VAL A 248 1.82 16.07 -6.28
C VAL A 248 0.57 15.83 -5.45
N ASP A 249 0.13 16.85 -4.71
CA ASP A 249 -1.15 16.81 -4.02
C ASP A 249 -2.26 17.28 -4.92
N ALA A 250 -3.49 16.95 -4.54
CA ALA A 250 -4.62 17.15 -5.44
C ALA A 250 -4.94 18.63 -5.61
N LYS A 251 -5.32 19.02 -6.84
CA LYS A 251 -5.73 20.38 -7.11
C LYS A 251 -7.10 20.64 -6.49
N THR A 252 -7.98 19.67 -6.60
CA THR A 252 -9.33 19.81 -6.13
C THR A 252 -9.76 18.46 -5.61
N ILE A 253 -10.55 18.47 -4.53
CA ILE A 253 -11.20 17.25 -4.07
C ILE A 253 -12.69 17.50 -4.04
N PHE A 254 -13.46 16.62 -4.67
CA PHE A 254 -14.91 16.73 -4.73
C PHE A 254 -15.56 15.78 -3.71
N THR A 255 -16.49 16.29 -2.91
CA THR A 255 -16.97 15.57 -1.71
C THR A 255 -18.49 15.34 -1.72
N GLY A 256 -19.12 15.39 -2.89
CA GLY A 256 -20.58 15.27 -2.93
C GLY A 256 -21.12 13.92 -2.49
N HIS A 257 -20.38 12.84 -2.76
CA HIS A 257 -20.84 11.50 -2.41
C HIS A 257 -20.73 11.26 -0.91
N THR A 258 -21.65 10.43 -0.37
CA THR A 258 -21.61 10.07 1.06
C THR A 258 -21.16 8.63 1.32
N ALA A 259 -20.56 7.97 0.35
CA ALA A 259 -20.23 6.55 0.43
C ALA A 259 -19.09 6.32 -0.53
N VAL A 260 -18.53 5.11 -0.54
CA VAL A 260 -17.46 4.72 -1.48
C VAL A 260 -17.77 5.20 -2.91
N VAL A 261 -16.82 5.89 -3.57
CA VAL A 261 -17.00 6.31 -4.97
C VAL A 261 -16.35 5.24 -5.83
N GLU A 262 -17.15 4.57 -6.65
CA GLU A 262 -16.65 3.39 -7.36
C GLU A 262 -15.99 3.74 -8.68
N ASP A 263 -16.43 4.78 -9.35
CA ASP A 263 -15.92 5.04 -10.69
C ASP A 263 -16.05 6.53 -10.98
N VAL A 264 -15.23 7.01 -11.93
CA VAL A 264 -15.30 8.40 -12.32
C VAL A 264 -14.85 8.45 -13.78
N SER A 265 -15.45 9.37 -14.54
CA SER A 265 -15.08 9.44 -15.96
C SER A 265 -15.32 10.83 -16.53
N TRP A 266 -14.35 11.34 -17.30
CA TRP A 266 -14.56 12.58 -17.96
C TRP A 266 -15.51 12.40 -19.14
N HIS A 267 -16.24 13.47 -19.46
CA HIS A 267 -16.96 13.52 -20.74
C HIS A 267 -15.94 13.54 -21.88
N LEU A 268 -16.30 12.95 -23.01
CA LEU A 268 -15.35 12.90 -24.10
C LEU A 268 -15.26 14.20 -24.87
N LEU A 269 -16.24 15.11 -24.73
CA LEU A 269 -16.20 16.31 -25.56
C LEU A 269 -16.08 17.58 -24.75
N HIS A 270 -16.72 17.65 -23.59
CA HIS A 270 -16.82 18.90 -22.86
C HIS A 270 -15.77 18.85 -21.75
N GLU A 271 -14.73 19.68 -21.88
CA GLU A 271 -13.53 19.52 -21.04
C GLU A 271 -13.77 19.72 -19.55
N SER A 272 -14.90 20.34 -19.16
CA SER A 272 -15.15 20.67 -17.76
CA SER A 272 -15.15 20.69 -17.78
C SER A 272 -16.09 19.71 -17.06
N LEU A 273 -16.58 18.67 -17.76
CA LEU A 273 -17.69 17.84 -17.30
C LEU A 273 -17.21 16.43 -17.04
N PHE A 274 -17.59 15.88 -15.88
CA PHE A 274 -17.28 14.49 -15.57
C PHE A 274 -18.41 13.93 -14.72
N GLY A 275 -18.53 12.61 -14.72
CA GLY A 275 -19.53 11.93 -13.92
C GLY A 275 -18.83 11.03 -12.93
N SER A 276 -19.52 10.69 -11.83
CA SER A 276 -19.06 9.82 -10.77
C SER A 276 -20.25 8.98 -10.34
N VAL A 277 -19.96 7.77 -9.86
CA VAL A 277 -21.00 6.87 -9.36
C VAL A 277 -20.46 6.22 -8.10
N ALA A 278 -21.35 5.87 -7.20
CA ALA A 278 -20.90 5.47 -5.87
C ALA A 278 -21.88 4.48 -5.26
N ASP A 279 -21.51 4.03 -4.06
CA ASP A 279 -22.26 3.10 -3.27
C ASP A 279 -23.50 3.75 -2.65
N ASP A 280 -23.64 5.07 -2.76
CA ASP A 280 -24.82 5.77 -2.33
C ASP A 280 -25.91 5.77 -3.40
N GLN A 281 -25.71 4.98 -4.45
CA GLN A 281 -26.66 4.67 -5.52
C GLN A 281 -26.82 5.81 -6.52
N LYS A 282 -25.99 6.84 -6.41
CA LYS A 282 -26.15 8.05 -7.19
C LYS A 282 -25.17 8.10 -8.36
N LEU A 283 -25.66 8.65 -9.48
CA LEU A 283 -24.82 9.20 -10.54
C LEU A 283 -24.77 10.70 -10.32
N MET A 284 -23.57 11.27 -10.30
CA MET A 284 -23.44 12.71 -10.14
C MET A 284 -22.73 13.25 -11.37
N ILE A 285 -23.20 14.38 -11.88
CA ILE A 285 -22.55 15.08 -12.99
C ILE A 285 -21.93 16.36 -12.45
N TRP A 286 -20.62 16.53 -12.69
CA TRP A 286 -19.84 17.60 -12.09
C TRP A 286 -19.33 18.55 -13.15
N ASP A 287 -19.18 19.83 -12.78
CA ASP A 287 -18.61 20.85 -13.67
C ASP A 287 -17.43 21.49 -12.97
N THR A 288 -16.21 21.31 -13.51
CA THR A 288 -15.05 21.85 -12.81
C THR A 288 -15.03 23.36 -12.78
N ARG A 289 -15.90 24.03 -13.54
CA ARG A 289 -15.97 25.48 -13.50
C ARG A 289 -16.71 25.98 -12.29
N SER A 290 -17.43 25.10 -11.60
CA SER A 290 -18.19 25.48 -10.42
C SER A 290 -17.28 25.63 -9.21
N ASN A 291 -17.51 26.68 -8.41
CA ASN A 291 -16.73 26.91 -7.21
C ASN A 291 -17.13 26.00 -6.05
N ASN A 292 -18.29 25.37 -6.11
CA ASN A 292 -18.77 24.51 -5.03
C ASN A 292 -18.36 23.06 -5.32
N THR A 293 -17.41 22.51 -4.55
CA THR A 293 -16.96 21.15 -4.78
C THR A 293 -17.65 20.13 -3.90
N SER A 294 -18.64 20.54 -3.09
CA SER A 294 -19.32 19.56 -2.27
C SER A 294 -20.69 19.15 -2.82
N LYS A 295 -21.12 19.73 -3.94
CA LYS A 295 -22.45 19.62 -4.53
C LYS A 295 -22.29 19.57 -6.04
N PRO A 296 -22.74 18.50 -6.70
CA PRO A 296 -22.53 18.38 -8.15
C PRO A 296 -23.56 19.21 -8.92
N SER A 297 -23.35 19.32 -10.22
CA SER A 297 -24.35 20.00 -11.04
C SER A 297 -25.68 19.25 -11.05
N HIS A 298 -25.63 17.92 -11.20
CA HIS A 298 -26.82 17.07 -11.22
C HIS A 298 -26.53 15.82 -10.41
N SER A 299 -27.57 15.29 -9.79
CA SER A 299 -27.45 14.12 -8.88
C SER A 299 -28.68 13.24 -9.10
N VAL A 300 -28.49 11.98 -9.53
CA VAL A 300 -29.64 11.14 -9.82
C VAL A 300 -29.53 9.84 -9.03
N ASP A 301 -30.67 9.41 -8.51
CA ASP A 301 -30.77 8.09 -7.91
C ASP A 301 -30.82 7.11 -9.06
N ALA A 302 -29.69 6.48 -9.33
CA ALA A 302 -29.53 5.75 -10.57
C ALA A 302 -29.98 4.30 -10.47
N HIS A 303 -29.87 3.68 -9.28
CA HIS A 303 -29.99 2.24 -9.18
C HIS A 303 -30.55 1.90 -7.80
N THR A 304 -30.98 0.67 -7.62
CA THR A 304 -31.47 0.28 -6.31
C THR A 304 -30.36 -0.32 -5.45
N ALA A 305 -29.11 -0.23 -5.90
CA ALA A 305 -27.95 -0.72 -5.10
C ALA A 305 -26.73 0.04 -5.61
N GLU A 306 -25.53 -0.41 -5.18
CA GLU A 306 -24.30 0.29 -5.44
C GLU A 306 -24.11 0.39 -6.95
N VAL A 307 -23.63 1.56 -7.38
CA VAL A 307 -23.32 1.82 -8.77
C VAL A 307 -21.79 1.74 -8.94
N ASN A 308 -21.33 0.76 -9.74
CA ASN A 308 -19.92 0.40 -9.79
C ASN A 308 -19.19 1.01 -10.99
N CYS A 309 -19.91 1.52 -11.99
CA CYS A 309 -19.16 1.91 -13.19
C CYS A 309 -20.03 2.83 -14.03
N LEU A 310 -19.36 3.67 -14.84
CA LEU A 310 -20.07 4.49 -15.82
C LEU A 310 -19.21 4.62 -17.05
N SER A 311 -19.88 4.92 -18.17
CA SER A 311 -19.14 5.12 -19.42
C SER A 311 -19.94 6.06 -20.31
N PHE A 312 -19.28 7.12 -20.82
CA PHE A 312 -19.90 8.05 -21.76
C PHE A 312 -19.81 7.52 -23.19
N ASN A 313 -20.87 7.71 -23.95
CA ASN A 313 -20.88 7.20 -25.29
C ASN A 313 -19.97 8.09 -26.14
N PRO A 314 -19.00 7.49 -26.85
CA PRO A 314 -18.00 8.29 -27.59
C PRO A 314 -18.54 8.91 -28.86
N TYR A 315 -19.76 8.53 -29.28
CA TYR A 315 -20.39 9.03 -30.50
C TYR A 315 -21.60 9.93 -30.25
N SER A 316 -22.23 9.78 -29.09
CA SER A 316 -23.49 10.43 -28.73
C SER A 316 -23.23 11.27 -27.49
N GLU A 317 -23.02 12.58 -27.67
CA GLU A 317 -22.55 13.40 -26.57
C GLU A 317 -23.52 13.50 -25.39
N PHE A 318 -24.82 13.19 -25.56
CA PHE A 318 -25.71 13.25 -24.40
C PHE A 318 -25.91 11.92 -23.69
N ILE A 319 -25.38 10.83 -24.18
CA ILE A 319 -25.73 9.51 -23.67
C ILE A 319 -24.60 8.94 -22.80
N LEU A 320 -24.98 8.24 -21.71
CA LEU A 320 -24.01 7.46 -20.92
C LEU A 320 -24.70 6.24 -20.36
N ALA A 321 -23.91 5.33 -19.73
CA ALA A 321 -24.48 4.11 -19.19
C ALA A 321 -23.84 3.87 -17.82
N THR A 322 -24.59 3.27 -16.91
CA THR A 322 -24.06 2.89 -15.60
C THR A 322 -24.37 1.42 -15.33
N GLY A 323 -23.53 0.78 -14.50
CA GLY A 323 -23.72 -0.62 -14.15
C GLY A 323 -23.71 -0.77 -12.65
N SER A 324 -24.50 -1.72 -12.14
CA SER A 324 -24.84 -1.69 -10.73
C SER A 324 -24.86 -3.05 -10.06
N ALA A 325 -24.74 -3.02 -8.72
CA ALA A 325 -25.02 -4.22 -7.95
C ALA A 325 -26.48 -4.68 -8.09
N ASP A 326 -27.39 -3.83 -8.59
CA ASP A 326 -28.75 -4.31 -8.80
C ASP A 326 -28.89 -5.16 -10.05
N LYS A 327 -27.80 -5.44 -10.75
CA LYS A 327 -27.71 -6.41 -11.85
C LYS A 327 -28.18 -5.83 -13.18
N THR A 328 -28.29 -4.51 -13.27
CA THR A 328 -28.76 -3.84 -14.47
C THR A 328 -27.73 -2.85 -14.97
N VAL A 329 -27.85 -2.52 -16.26
CA VAL A 329 -27.13 -1.41 -16.87
C VAL A 329 -28.19 -0.35 -17.17
N ALA A 330 -27.98 0.89 -16.72
CA ALA A 330 -28.95 1.92 -16.98
C ALA A 330 -28.41 2.86 -18.06
N LEU A 331 -29.32 3.33 -18.90
CA LEU A 331 -29.01 4.24 -19.99
C LEU A 331 -29.58 5.62 -19.65
N TRP A 332 -28.78 6.67 -19.90
CA TRP A 332 -29.06 8.00 -19.37
C TRP A 332 -28.85 9.06 -20.44
N ASP A 333 -29.69 10.08 -20.42
CA ASP A 333 -29.59 11.25 -21.29
C ASP A 333 -29.32 12.45 -20.40
N LEU A 334 -28.17 13.09 -20.58
CA LEU A 334 -27.80 14.23 -19.72
C LEU A 334 -28.79 15.36 -19.81
N ARG A 335 -29.58 15.46 -20.89
CA ARG A 335 -30.53 16.55 -20.95
C ARG A 335 -31.74 16.33 -20.06
N ASN A 336 -31.99 15.10 -19.63
CA ASN A 336 -33.10 14.88 -18.69
C ASN A 336 -32.75 13.68 -17.83
N LEU A 337 -31.99 13.93 -16.77
CA LEU A 337 -31.56 12.86 -15.90
C LEU A 337 -32.65 12.39 -14.94
N LYS A 338 -33.81 13.07 -14.91
CA LYS A 338 -34.96 12.60 -14.14
C LYS A 338 -35.53 11.29 -14.65
N LEU A 339 -35.27 10.91 -15.90
CA LEU A 339 -35.93 9.76 -16.53
C LEU A 339 -34.87 8.81 -17.11
N LYS A 340 -34.64 7.69 -16.43
CA LYS A 340 -33.79 6.64 -16.98
C LYS A 340 -34.29 6.27 -18.38
N LEU A 341 -33.38 6.18 -19.36
CA LEU A 341 -33.87 5.94 -20.71
C LEU A 341 -34.25 4.49 -20.95
N HIS A 342 -33.49 3.56 -20.37
CA HIS A 342 -33.70 2.15 -20.60
C HIS A 342 -32.93 1.42 -19.50
N SER A 343 -33.37 0.20 -19.21
CA SER A 343 -32.68 -0.61 -18.22
C SER A 343 -32.39 -1.95 -18.89
N PHE A 344 -31.10 -2.28 -19.03
CA PHE A 344 -30.68 -3.53 -19.66
C PHE A 344 -30.58 -4.61 -18.60
N GLU A 345 -31.39 -5.67 -18.73
CA GLU A 345 -31.56 -6.67 -17.68
C GLU A 345 -31.30 -8.04 -18.28
N SER A 346 -30.20 -8.66 -17.91
CA SER A 346 -29.97 -10.08 -18.19
C SER A 346 -28.92 -10.64 -17.24
N HIS A 347 -28.07 -9.78 -16.71
CA HIS A 347 -27.05 -10.23 -15.77
C HIS A 347 -27.72 -10.82 -14.53
N LYS A 348 -27.08 -11.85 -13.97
CA LYS A 348 -27.55 -12.61 -12.83
C LYS A 348 -26.85 -12.19 -11.53
N ASP A 349 -25.92 -11.24 -11.59
CA ASP A 349 -25.18 -10.80 -10.40
C ASP A 349 -24.60 -9.42 -10.70
N GLU A 350 -23.85 -8.91 -9.73
CA GLU A 350 -23.33 -7.53 -9.73
C GLU A 350 -22.48 -7.25 -10.97
N ILE A 351 -22.71 -6.06 -11.56
CA ILE A 351 -22.00 -5.59 -12.73
C ILE A 351 -20.90 -4.65 -12.26
N PHE A 352 -19.68 -4.88 -12.72
CA PHE A 352 -18.57 -4.04 -12.34
C PHE A 352 -17.95 -3.24 -13.50
N GLN A 353 -18.17 -3.63 -14.74
CA GLN A 353 -17.61 -2.83 -15.84
C GLN A 353 -18.66 -2.65 -16.93
N VAL A 354 -18.69 -1.45 -17.51
CA VAL A 354 -19.53 -1.16 -18.68
CA VAL A 354 -19.53 -1.16 -18.68
C VAL A 354 -18.70 -0.33 -19.64
N GLN A 355 -18.72 -0.68 -20.93
CA GLN A 355 -17.91 0.05 -21.89
C GLN A 355 -18.63 0.12 -23.21
N TRP A 356 -18.72 1.31 -23.75
CA TRP A 356 -19.23 1.49 -25.12
C TRP A 356 -18.21 1.02 -26.15
N SER A 357 -18.70 0.49 -27.28
CA SER A 357 -17.84 0.13 -28.41
C SER A 357 -17.12 1.36 -28.95
N PRO A 358 -15.83 1.27 -29.27
CA PRO A 358 -15.18 2.41 -29.90
C PRO A 358 -15.56 2.61 -31.36
N HIS A 359 -16.18 1.61 -32.02
CA HIS A 359 -16.51 1.66 -33.43
C HIS A 359 -18.00 1.90 -33.72
N ASN A 360 -18.92 1.48 -32.82
CA ASN A 360 -20.35 1.40 -33.13
C ASN A 360 -21.14 2.10 -32.03
N GLU A 361 -21.85 3.18 -32.40
CA GLU A 361 -22.47 4.05 -31.40
C GLU A 361 -23.64 3.41 -30.64
N THR A 362 -24.23 2.33 -31.15
CA THR A 362 -25.35 1.70 -30.46
C THR A 362 -24.91 0.49 -29.65
N ILE A 363 -23.62 0.18 -29.58
CA ILE A 363 -23.13 -1.06 -28.97
C ILE A 363 -22.41 -0.76 -27.67
N LEU A 364 -22.76 -1.49 -26.60
CA LEU A 364 -22.02 -1.41 -25.35
C LEU A 364 -21.99 -2.79 -24.75
N ALA A 365 -21.10 -2.98 -23.78
CA ALA A 365 -20.88 -4.28 -23.19
C ALA A 365 -20.74 -4.09 -21.68
N SER A 366 -20.97 -5.18 -20.94
CA SER A 366 -21.00 -5.11 -19.49
C SER A 366 -20.52 -6.44 -18.92
N SER A 367 -19.87 -6.37 -17.76
CA SER A 367 -19.46 -7.63 -17.15
C SER A 367 -19.43 -7.51 -15.65
N GLY A 368 -19.26 -8.66 -14.98
CA GLY A 368 -19.12 -8.65 -13.53
C GLY A 368 -19.10 -10.04 -12.91
N THR A 369 -19.72 -10.14 -11.74
CA THR A 369 -19.53 -11.32 -10.91
C THR A 369 -20.25 -12.55 -11.45
N ASP A 370 -21.24 -12.42 -12.34
CA ASP A 370 -21.88 -13.62 -12.86
C ASP A 370 -21.04 -14.33 -13.95
N ARG A 371 -19.81 -13.89 -14.18
CA ARG A 371 -18.82 -14.53 -15.08
C ARG A 371 -19.19 -14.37 -16.56
N ARG A 372 -20.18 -13.56 -16.86
CA ARG A 372 -20.60 -13.34 -18.24
C ARG A 372 -20.18 -11.94 -18.67
N LEU A 373 -19.92 -11.80 -19.98
CA LEU A 373 -19.77 -10.51 -20.59
C LEU A 373 -20.88 -10.39 -21.64
N ASN A 374 -21.79 -9.45 -21.44
CA ASN A 374 -22.95 -9.28 -22.31
C ASN A 374 -22.70 -8.10 -23.22
N VAL A 375 -23.00 -8.28 -24.50
CA VAL A 375 -22.92 -7.22 -25.50
C VAL A 375 -24.33 -6.83 -25.89
N TRP A 376 -24.64 -5.52 -25.86
CA TRP A 376 -25.98 -4.97 -26.05
C TRP A 376 -26.00 -4.11 -27.31
N ASP A 377 -27.15 -4.07 -28.01
CA ASP A 377 -27.35 -3.24 -29.21
C ASP A 377 -28.61 -2.40 -28.98
N LEU A 378 -28.44 -1.13 -28.63
CA LEU A 378 -29.62 -0.37 -28.25
C LEU A 378 -30.50 -0.06 -29.44
N SER A 379 -30.00 -0.20 -30.68
CA SER A 379 -30.90 -0.04 -31.80
C SER A 379 -31.91 -1.19 -31.88
N LYS A 380 -31.70 -2.28 -31.15
CA LYS A 380 -32.69 -3.37 -31.19
C LYS A 380 -33.72 -3.29 -30.08
N ILE A 381 -33.72 -2.23 -29.26
CA ILE A 381 -34.65 -2.18 -28.14
C ILE A 381 -36.06 -2.15 -28.70
N GLY A 382 -36.92 -3.02 -28.19
CA GLY A 382 -38.32 -3.04 -28.58
C GLY A 382 -38.65 -3.82 -29.83
N GLU A 383 -37.72 -4.60 -30.40
CA GLU A 383 -38.04 -5.34 -31.61
C GLU A 383 -38.71 -6.65 -31.26
N GLU A 384 -39.51 -7.15 -32.20
CA GLU A 384 -40.29 -8.35 -31.96
C GLU A 384 -39.39 -9.58 -32.02
N GLN A 385 -39.72 -10.57 -31.19
CA GLN A 385 -39.01 -11.84 -31.17
C GLN A 385 -40.01 -12.96 -31.27
N SER A 386 -39.61 -14.05 -31.93
CA SER A 386 -40.32 -15.30 -31.72
C SER A 386 -40.22 -15.66 -30.24
N PRO A 387 -41.22 -16.35 -29.69
CA PRO A 387 -41.11 -16.78 -28.30
C PRO A 387 -39.92 -17.69 -28.06
N GLU A 388 -39.53 -18.50 -29.05
CA GLU A 388 -38.29 -19.27 -28.95
C GLU A 388 -37.06 -18.36 -28.90
N ASP A 389 -37.11 -17.22 -29.61
CA ASP A 389 -36.02 -16.26 -29.52
C ASP A 389 -36.10 -15.45 -28.23
N ALA A 390 -37.32 -15.06 -27.82
CA ALA A 390 -37.47 -14.34 -26.56
C ALA A 390 -36.97 -15.14 -25.36
N GLU A 391 -36.74 -16.45 -25.53
CA GLU A 391 -36.18 -17.29 -24.47
C GLU A 391 -34.87 -16.73 -23.95
N ASP A 392 -33.88 -16.63 -24.83
CA ASP A 392 -32.53 -16.29 -24.40
C ASP A 392 -32.41 -14.88 -23.87
N GLY A 393 -33.43 -14.05 -24.03
CA GLY A 393 -33.40 -12.72 -23.49
C GLY A 393 -33.89 -11.64 -24.44
N PRO A 394 -33.72 -10.39 -24.02
CA PRO A 394 -34.35 -9.27 -24.73
C PRO A 394 -33.75 -9.10 -26.12
N PRO A 395 -34.46 -8.43 -27.02
CA PRO A 395 -33.91 -8.25 -28.38
C PRO A 395 -32.62 -7.47 -28.37
N GLU A 396 -32.45 -6.53 -27.44
CA GLU A 396 -31.26 -5.70 -27.39
C GLU A 396 -30.05 -6.45 -26.81
N LEU A 397 -30.19 -7.71 -26.42
CA LEU A 397 -29.03 -8.52 -26.03
C LEU A 397 -28.45 -9.20 -27.28
N LEU A 398 -27.32 -8.65 -27.76
CA LEU A 398 -26.71 -9.15 -28.98
C LEU A 398 -25.95 -10.44 -28.77
N PHE A 399 -25.18 -10.54 -27.67
CA PHE A 399 -24.26 -11.64 -27.53
C PHE A 399 -23.92 -11.80 -26.06
N ILE A 400 -23.80 -13.05 -25.63
CA ILE A 400 -23.33 -13.38 -24.27
C ILE A 400 -22.05 -14.16 -24.41
N HIS A 401 -20.97 -13.63 -23.85
CA HIS A 401 -19.68 -14.30 -23.88
C HIS A 401 -19.60 -15.19 -22.64
N GLY A 402 -19.58 -16.51 -22.84
CA GLY A 402 -19.49 -17.42 -21.72
C GLY A 402 -18.13 -18.07 -21.50
N GLY A 403 -17.05 -17.50 -22.01
CA GLY A 403 -15.78 -18.21 -21.94
C GLY A 403 -15.09 -18.20 -20.58
N HIS A 404 -15.47 -17.30 -19.68
CA HIS A 404 -14.81 -17.21 -18.39
C HIS A 404 -15.51 -18.11 -17.37
N THR A 405 -14.72 -18.60 -16.42
CA THR A 405 -15.24 -19.44 -15.35
C THR A 405 -15.07 -18.81 -13.98
N ALA A 406 -14.73 -17.53 -13.91
CA ALA A 406 -14.62 -16.82 -12.65
C ALA A 406 -15.08 -15.39 -12.90
N LYS A 407 -15.25 -14.64 -11.81
CA LYS A 407 -15.67 -13.25 -11.93
C LYS A 407 -14.76 -12.51 -12.92
N ILE A 408 -15.37 -11.73 -13.79
CA ILE A 408 -14.57 -10.95 -14.73
C ILE A 408 -14.15 -9.66 -14.05
N SER A 409 -12.85 -9.37 -14.11
CA SER A 409 -12.41 -8.18 -13.38
C SER A 409 -12.39 -6.94 -14.23
N ASP A 410 -12.17 -7.08 -15.54
CA ASP A 410 -12.14 -5.89 -16.37
C ASP A 410 -12.21 -6.40 -17.79
N PHE A 411 -12.56 -5.51 -18.70
CA PHE A 411 -12.44 -5.83 -20.12
C PHE A 411 -12.16 -4.56 -20.91
N SER A 412 -11.68 -4.74 -22.14
CA SER A 412 -11.38 -3.59 -23.00
C SER A 412 -11.68 -3.91 -24.46
N TRP A 413 -12.37 -3.00 -25.14
CA TRP A 413 -12.58 -3.16 -26.58
C TRP A 413 -11.32 -2.73 -27.31
N ASN A 414 -10.86 -3.55 -28.24
CA ASN A 414 -9.70 -3.18 -29.06
C ASN A 414 -10.01 -1.95 -29.93
N PRO A 415 -9.22 -0.87 -29.84
CA PRO A 415 -9.57 0.36 -30.58
C PRO A 415 -9.26 0.30 -32.07
N ASN A 416 -8.57 -0.72 -32.56
CA ASN A 416 -8.08 -0.78 -33.93
C ASN A 416 -8.66 -1.94 -34.71
N GLU A 417 -9.23 -2.94 -34.04
CA GLU A 417 -9.79 -4.11 -34.69
C GLU A 417 -11.23 -4.24 -34.20
N PRO A 418 -12.20 -3.82 -34.99
CA PRO A 418 -13.59 -3.85 -34.52
C PRO A 418 -14.03 -5.22 -34.02
N TRP A 419 -14.81 -5.19 -32.94
CA TRP A 419 -15.44 -6.34 -32.30
C TRP A 419 -14.46 -7.22 -31.51
N VAL A 420 -13.15 -6.92 -31.52
CA VAL A 420 -12.21 -7.66 -30.68
C VAL A 420 -12.28 -7.12 -29.26
N ILE A 421 -12.40 -8.02 -28.28
CA ILE A 421 -12.38 -7.64 -26.87
C ILE A 421 -11.33 -8.45 -26.13
N CYS A 422 -10.64 -7.82 -25.17
CA CYS A 422 -9.88 -8.58 -24.17
C CYS A 422 -10.58 -8.52 -22.82
N SER A 423 -10.77 -9.67 -22.16
CA SER A 423 -11.42 -9.72 -20.84
C SER A 423 -10.59 -10.61 -19.91
N VAL A 424 -10.52 -10.24 -18.63
CA VAL A 424 -9.62 -10.87 -17.66
C VAL A 424 -10.44 -11.23 -16.43
N SER A 425 -10.14 -12.39 -15.85
CA SER A 425 -10.95 -12.89 -14.76
C SER A 425 -10.05 -13.31 -13.60
N GLU A 426 -10.67 -13.62 -12.44
CA GLU A 426 -10.02 -13.81 -11.14
C GLU A 426 -9.26 -15.11 -11.05
N ASP A 427 -9.50 -16.02 -11.96
CA ASP A 427 -8.81 -17.29 -12.06
C ASP A 427 -7.60 -17.20 -12.98
N ASN A 428 -7.06 -16.00 -13.18
CA ASN A 428 -5.84 -15.68 -13.94
C ASN A 428 -6.08 -15.71 -15.45
N ILE A 429 -7.29 -15.95 -15.93
CA ILE A 429 -7.46 -16.11 -17.37
C ILE A 429 -7.58 -14.75 -18.04
N MET A 430 -6.87 -14.59 -19.14
CA MET A 430 -7.08 -13.51 -20.10
C MET A 430 -7.60 -14.12 -21.41
N GLN A 431 -8.66 -13.54 -21.96
CA GLN A 431 -9.19 -14.00 -23.23
C GLN A 431 -9.26 -12.82 -24.19
N VAL A 432 -8.78 -13.05 -25.41
CA VAL A 432 -8.93 -12.14 -26.53
C VAL A 432 -9.85 -12.84 -27.53
N TRP A 433 -10.98 -12.20 -27.82
CA TRP A 433 -12.03 -12.90 -28.55
C TRP A 433 -12.79 -11.90 -29.42
N GLN A 434 -13.49 -12.46 -30.41
CA GLN A 434 -14.30 -11.68 -31.33
C GLN A 434 -15.49 -12.52 -31.75
N MET A 435 -16.69 -12.02 -31.55
CA MET A 435 -17.85 -12.82 -31.89
C MET A 435 -17.95 -12.95 -33.40
N ALA A 436 -18.66 -13.99 -33.84
CA ALA A 436 -18.82 -14.28 -35.26
C ALA A 436 -19.48 -13.13 -36.01
N GLU A 437 -18.97 -12.86 -37.23
CA GLU A 437 -19.43 -11.69 -37.98
C GLU A 437 -20.91 -11.75 -38.35
N ASN A 438 -21.45 -12.95 -38.59
CA ASN A 438 -22.87 -13.09 -38.84
C ASN A 438 -23.74 -12.65 -37.66
N ILE A 439 -23.17 -12.48 -36.46
CA ILE A 439 -23.99 -12.08 -35.33
C ILE A 439 -24.27 -10.59 -35.34
N TYR A 440 -23.31 -9.76 -35.72
CA TYR A 440 -23.59 -8.33 -35.86
C TYR A 440 -23.79 -7.90 -37.32
N ASN A 441 -24.17 -8.84 -38.20
CA ASN A 441 -24.35 -8.57 -39.63
C ASN A 441 -23.21 -7.75 -40.26
N ALA B 38 10.20 3.71 49.20
CA ALA B 38 9.95 4.29 50.53
C ALA B 38 10.29 5.78 50.52
N PHE B 39 11.13 6.20 51.47
CA PHE B 39 11.70 7.55 51.42
C PHE B 39 12.41 7.79 50.09
N ASP B 40 12.94 6.72 49.47
CA ASP B 40 13.63 6.83 48.19
C ASP B 40 12.65 6.94 47.02
N ASP B 41 11.61 6.10 47.01
CA ASP B 41 10.60 6.20 45.95
C ASP B 41 9.91 7.56 45.99
N ALA B 42 9.74 8.14 47.17
CA ALA B 42 9.09 9.44 47.30
C ALA B 42 9.92 10.53 46.63
N VAL B 43 11.16 10.71 47.11
CA VAL B 43 12.02 11.75 46.56
C VAL B 43 12.22 11.54 45.05
N GLU B 44 12.34 10.28 44.61
CA GLU B 44 12.64 10.04 43.20
C GLU B 44 11.51 10.50 42.29
N GLU B 45 10.26 10.22 42.65
CA GLU B 45 9.14 10.63 41.80
C GLU B 45 9.03 12.16 41.76
N ARG B 46 9.10 12.81 42.92
CA ARG B 46 9.02 14.27 42.94
C ARG B 46 10.21 14.91 42.21
N VAL B 47 11.34 14.21 42.14
CA VAL B 47 12.46 14.70 41.34
C VAL B 47 12.10 14.69 39.85
N ILE B 48 11.44 13.61 39.40
CA ILE B 48 10.96 13.56 38.02
C ILE B 48 9.92 14.64 37.78
N ASN B 49 9.02 14.84 38.74
CA ASN B 49 7.97 15.84 38.56
C ASN B 49 8.55 17.25 38.55
N GLU B 50 9.56 17.53 39.36
CA GLU B 50 10.15 18.86 39.29
C GLU B 50 10.86 19.08 37.96
N GLU B 51 11.50 18.03 37.41
CA GLU B 51 12.22 18.19 36.16
C GLU B 51 11.28 18.33 34.97
N TYR B 52 10.15 17.60 34.98
CA TYR B 52 9.18 17.75 33.91
C TYR B 52 8.55 19.13 33.94
N LYS B 53 8.28 19.66 35.14
CA LYS B 53 7.76 21.03 35.25
C LYS B 53 8.76 22.03 34.72
N ILE B 54 10.05 21.78 34.95
CA ILE B 54 11.09 22.67 34.44
C ILE B 54 11.21 22.56 32.92
N TRP B 55 11.22 21.32 32.40
CA TRP B 55 11.33 21.09 30.96
C TRP B 55 10.14 21.70 30.21
N LYS B 56 8.93 21.51 30.74
CA LYS B 56 7.74 22.08 30.12
C LYS B 56 7.86 23.59 30.03
N LYS B 57 8.31 24.24 31.12
CA LYS B 57 8.49 25.69 31.08
C LYS B 57 9.47 26.12 30.00
N ASN B 58 10.47 25.28 29.70
CA ASN B 58 11.52 25.67 28.76
C ASN B 58 11.27 25.20 27.33
N THR B 59 10.14 24.56 27.03
CA THR B 59 9.93 24.09 25.66
C THR B 59 9.88 25.24 24.64
N PRO B 60 9.31 26.43 24.93
CA PRO B 60 9.23 27.46 23.88
C PRO B 60 10.56 27.84 23.27
N PHE B 61 11.69 27.54 23.89
CA PHE B 61 12.96 27.88 23.26
C PHE B 61 13.91 26.69 23.16
N LEU B 62 13.48 25.49 23.48
CA LEU B 62 14.25 24.32 23.08
C LEU B 62 13.63 23.63 21.88
N TYR B 63 12.36 23.87 21.59
CA TYR B 63 11.65 23.17 20.51
C TYR B 63 10.99 24.12 19.53
N ASP B 64 10.93 23.70 18.27
CA ASP B 64 10.03 24.35 17.33
C ASP B 64 8.67 23.67 17.29
N LEU B 65 8.58 22.43 17.76
CA LEU B 65 7.33 21.71 17.81
C LEU B 65 7.36 20.75 18.98
N VAL B 66 6.28 20.70 19.76
CA VAL B 66 6.10 19.69 20.82
C VAL B 66 4.63 19.31 20.82
N MET B 67 4.31 18.08 20.44
CA MET B 67 2.95 17.56 20.55
C MET B 67 2.94 16.32 21.43
N THR B 68 1.99 16.28 22.37
CA THR B 68 1.87 15.18 23.33
C THR B 68 0.50 14.54 23.20
N HIS B 69 0.48 13.21 23.27
CA HIS B 69 -0.76 12.45 23.17
C HIS B 69 -0.70 11.27 24.15
N ALA B 70 -1.68 11.19 25.06
CA ALA B 70 -1.76 10.05 25.97
C ALA B 70 -2.58 8.94 25.29
N LEU B 71 -1.96 7.79 25.07
CA LEU B 71 -2.65 6.66 24.46
C LEU B 71 -3.34 5.80 25.54
N GLU B 72 -4.36 5.05 25.10
CA GLU B 72 -5.12 4.21 26.04
C GLU B 72 -4.21 3.21 26.75
N TRP B 73 -3.31 2.57 26.01
CA TRP B 73 -2.27 1.67 26.49
C TRP B 73 -0.95 2.16 25.90
N PRO B 74 0.17 1.81 26.53
CA PRO B 74 1.45 2.22 25.94
C PRO B 74 1.72 1.40 24.71
N SER B 75 2.52 1.98 23.82
CA SER B 75 3.04 1.33 22.64
C SER B 75 4.50 0.98 22.89
N LEU B 76 4.91 -0.26 22.55
CA LEU B 76 6.31 -0.64 22.57
C LEU B 76 7.04 -0.28 21.31
N THR B 77 6.32 0.19 20.29
CA THR B 77 6.86 0.31 18.93
C THR B 77 6.43 1.63 18.32
N ALA B 78 7.27 2.23 17.47
CA ALA B 78 6.84 3.34 16.63
C ALA B 78 7.62 3.33 15.32
N GLN B 79 6.90 3.60 14.22
CA GLN B 79 7.55 3.73 12.92
C GLN B 79 6.66 4.62 12.06
N TRP B 80 7.21 5.72 11.57
CA TRP B 80 6.47 6.53 10.61
C TRP B 80 6.28 5.77 9.32
N LEU B 81 5.07 5.87 8.75
CA LEU B 81 4.84 5.38 7.38
C LEU B 81 5.48 6.33 6.37
N PRO B 82 5.77 5.84 5.16
CA PRO B 82 6.55 6.69 4.24
C PRO B 82 5.78 7.86 3.63
N ASP B 83 4.44 7.88 3.69
CA ASP B 83 3.62 8.82 2.94
C ASP B 83 3.32 10.09 3.74
N VAL B 84 3.33 11.22 3.03
CA VAL B 84 2.85 12.50 3.54
C VAL B 84 1.85 13.07 2.55
N THR B 85 0.77 13.66 3.06
CA THR B 85 -0.22 14.33 2.25
C THR B 85 -0.22 15.79 2.66
N ARG B 86 -0.18 16.70 1.68
CA ARG B 86 -0.12 18.13 1.97
C ARG B 86 -1.32 18.80 1.30
N PRO B 87 -2.48 18.81 1.95
CA PRO B 87 -3.70 19.33 1.30
C PRO B 87 -3.55 20.78 0.84
N GLU B 88 -4.03 21.05 -0.37
CA GLU B 88 -3.70 22.29 -1.06
C GLU B 88 -4.22 23.52 -0.33
N GLY B 89 -5.45 23.47 0.17
CA GLY B 89 -5.90 24.70 0.81
C GLY B 89 -5.54 24.88 2.28
N LYS B 90 -4.63 24.06 2.83
CA LYS B 90 -4.54 23.89 4.27
C LYS B 90 -3.17 24.28 4.80
N ASP B 91 -3.11 24.57 6.11
CA ASP B 91 -1.90 24.96 6.79
C ASP B 91 -1.26 23.82 7.57
N PHE B 92 -1.42 22.58 7.13
CA PHE B 92 -0.79 21.46 7.83
C PHE B 92 -0.58 20.34 6.83
N SER B 93 0.20 19.36 7.25
CA SER B 93 0.44 18.17 6.45
C SER B 93 0.06 16.95 7.26
N ILE B 94 -0.21 15.85 6.56
CA ILE B 94 -0.74 14.66 7.22
C ILE B 94 0.24 13.51 7.07
N HIS B 95 0.58 12.91 8.21
CA HIS B 95 1.55 11.85 8.33
C HIS B 95 0.91 10.71 9.09
N ARG B 96 1.56 9.55 9.07
CA ARG B 96 0.97 8.37 9.70
C ARG B 96 2.08 7.54 10.34
N LEU B 97 1.67 6.77 11.35
CA LEU B 97 2.57 6.03 12.25
C LEU B 97 2.03 4.63 12.49
N VAL B 98 2.92 3.65 12.49
CA VAL B 98 2.59 2.31 12.92
C VAL B 98 2.91 2.26 14.42
N LEU B 99 1.94 1.90 15.22
CA LEU B 99 2.05 1.81 16.67
C LEU B 99 1.48 0.47 17.11
N GLY B 100 1.57 0.18 18.40
CA GLY B 100 0.83 -0.97 18.86
C GLY B 100 0.36 -0.75 20.27
N THR B 101 -0.19 -1.77 20.86
CA THR B 101 -0.61 -1.67 22.25
C THR B 101 0.23 -2.61 23.08
N HIS B 102 0.27 -2.34 24.36
CA HIS B 102 0.86 -3.24 25.36
C HIS B 102 -0.09 -3.14 26.55
N THR B 103 -0.96 -4.13 26.71
CA THR B 103 -1.95 -4.07 27.77
C THR B 103 -1.58 -4.99 28.95
N SER B 104 -2.31 -4.80 30.06
CA SER B 104 -2.41 -5.82 31.09
C SER B 104 -3.78 -6.47 30.96
N ASP B 105 -3.79 -7.77 30.67
CA ASP B 105 -5.03 -8.55 30.73
C ASP B 105 -6.15 -7.90 29.90
N GLU B 106 -5.85 -7.54 28.65
CA GLU B 106 -6.83 -6.88 27.79
C GLU B 106 -6.44 -7.07 26.32
N GLN B 107 -7.44 -6.95 25.44
CA GLN B 107 -7.23 -7.19 24.01
C GLN B 107 -6.22 -6.20 23.40
N ASN B 108 -5.19 -6.74 22.70
CA ASN B 108 -4.21 -5.87 22.05
C ASN B 108 -4.60 -5.55 20.61
N HIS B 109 -3.98 -4.50 20.06
CA HIS B 109 -4.20 -4.14 18.67
C HIS B 109 -2.93 -3.59 18.04
N LEU B 110 -2.77 -3.89 16.76
CA LEU B 110 -1.89 -3.16 15.86
C LEU B 110 -2.60 -1.87 15.47
N VAL B 111 -1.90 -0.76 15.54
CA VAL B 111 -2.52 0.55 15.40
C VAL B 111 -1.88 1.31 14.24
N ILE B 112 -2.69 2.04 13.48
CA ILE B 112 -2.18 3.08 12.59
C ILE B 112 -2.81 4.40 13.00
N ALA B 113 -1.97 5.39 13.25
CA ALA B 113 -2.40 6.71 13.71
C ALA B 113 -2.03 7.72 12.65
N SER B 114 -2.86 8.76 12.48
CA SER B 114 -2.48 9.88 11.63
C SER B 114 -2.14 11.08 12.51
N VAL B 115 -1.21 11.89 12.02
CA VAL B 115 -0.66 13.02 12.76
C VAL B 115 -0.74 14.22 11.84
N GLN B 116 -1.38 15.31 12.30
CA GLN B 116 -1.36 16.57 11.57
C GLN B 116 -0.24 17.45 12.13
N LEU B 117 0.69 17.84 11.26
CA LEU B 117 1.82 18.67 11.63
C LEU B 117 1.66 20.06 11.03
N PRO B 118 1.91 21.11 11.80
CA PRO B 118 1.83 22.47 11.25
C PRO B 118 2.82 22.68 10.10
N ASN B 119 2.45 23.57 9.19
CA ASN B 119 3.42 24.22 8.31
C ASN B 119 3.98 25.44 9.04
N ASP B 120 4.82 26.20 8.33
CA ASP B 120 5.49 27.36 8.92
C ASP B 120 4.49 28.48 9.19
N ASP B 121 3.83 28.40 10.33
CA ASP B 121 2.82 29.39 10.71
C ASP B 121 3.27 30.23 11.90
N SER B 143 -0.85 24.08 17.52
CA SER B 143 -1.97 23.22 17.15
C SER B 143 -1.52 21.76 17.06
N GLY B 144 -1.97 21.07 16.02
CA GLY B 144 -1.65 19.68 15.80
C GLY B 144 -2.76 18.75 16.26
N LYS B 145 -2.77 17.55 15.67
CA LYS B 145 -3.88 16.63 15.91
C LYS B 145 -3.37 15.22 15.65
N ILE B 146 -3.56 14.34 16.62
CA ILE B 146 -3.10 12.96 16.55
C ILE B 146 -4.31 12.09 16.79
N GLU B 147 -4.62 11.21 15.83
CA GLU B 147 -5.83 10.41 15.89
C GLU B 147 -5.55 8.97 15.49
N ILE B 148 -6.20 8.02 16.14
CA ILE B 148 -6.09 6.63 15.72
C ILE B 148 -6.92 6.45 14.45
N GLU B 149 -6.38 5.74 13.47
CA GLU B 149 -7.14 5.55 12.24
C GLU B 149 -7.57 4.10 12.04
N ILE B 150 -6.80 3.12 12.52
CA ILE B 150 -7.07 1.71 12.30
C ILE B 150 -6.61 0.97 13.55
N LYS B 151 -7.42 0.05 14.08
CA LYS B 151 -6.92 -0.95 15.03
C LYS B 151 -7.24 -2.34 14.48
N ILE B 152 -6.26 -3.22 14.52
CA ILE B 152 -6.41 -4.59 14.04
C ILE B 152 -6.14 -5.50 15.23
N ASN B 153 -7.08 -6.40 15.54
CA ASN B 153 -6.89 -7.34 16.65
C ASN B 153 -5.55 -8.04 16.51
N HIS B 154 -4.83 -8.16 17.63
CA HIS B 154 -3.48 -8.70 17.67
C HIS B 154 -3.35 -9.59 18.90
N GLU B 155 -2.80 -10.79 18.75
CA GLU B 155 -2.75 -11.74 19.86
C GLU B 155 -1.52 -11.40 20.70
N GLY B 156 -1.75 -10.82 21.87
CA GLY B 156 -0.65 -10.40 22.72
C GLY B 156 -0.19 -9.00 22.39
N GLU B 157 0.72 -8.47 23.22
CA GLU B 157 1.23 -7.13 22.96
C GLU B 157 2.05 -7.13 21.68
N VAL B 158 2.16 -5.95 21.05
CA VAL B 158 2.96 -5.77 19.83
C VAL B 158 4.38 -5.38 20.26
N ASN B 159 5.28 -6.37 20.31
CA ASN B 159 6.66 -6.06 20.72
C ASN B 159 7.34 -5.12 19.72
N ARG B 160 7.05 -5.29 18.44
CA ARG B 160 7.57 -4.43 17.39
C ARG B 160 6.74 -4.65 16.16
N ALA B 161 6.59 -3.59 15.37
CA ALA B 161 5.87 -3.67 14.09
C ALA B 161 6.63 -2.83 13.08
N ARG B 162 6.89 -3.42 11.90
CA ARG B 162 7.62 -2.72 10.84
C ARG B 162 6.93 -2.92 9.49
N TYR B 163 6.88 -1.87 8.68
CA TYR B 163 6.24 -1.97 7.37
C TYR B 163 7.29 -2.38 6.34
N MET B 164 6.81 -3.01 5.27
CA MET B 164 7.70 -3.50 4.23
C MET B 164 7.98 -2.40 3.21
N PRO B 165 9.25 -1.98 2.97
CA PRO B 165 9.47 -0.87 2.01
C PRO B 165 8.84 -1.06 0.63
N GLN B 166 8.89 -2.27 0.09
CA GLN B 166 8.35 -2.47 -1.25
C GLN B 166 6.82 -2.51 -1.31
N ASN B 167 6.15 -2.63 -0.16
CA ASN B 167 4.70 -2.59 -0.14
C ASN B 167 4.32 -2.13 1.26
N PRO B 168 4.19 -0.84 1.51
CA PRO B 168 4.05 -0.39 2.90
C PRO B 168 2.66 -0.62 3.47
N CYS B 169 1.78 -1.36 2.78
CA CYS B 169 0.57 -1.93 3.36
C CYS B 169 0.87 -3.18 4.17
N ILE B 170 2.03 -3.81 3.96
CA ILE B 170 2.39 -5.07 4.57
C ILE B 170 3.19 -4.74 5.83
N ILE B 171 2.74 -5.23 7.00
CA ILE B 171 3.34 -4.92 8.29
C ILE B 171 3.64 -6.22 9.03
N ALA B 172 4.87 -6.37 9.49
CA ALA B 172 5.27 -7.54 10.27
C ALA B 172 5.24 -7.19 11.75
N THR B 173 4.81 -8.15 12.61
CA THR B 173 4.81 -7.83 14.03
C THR B 173 5.44 -8.97 14.81
N LYS B 174 6.11 -8.60 15.88
CA LYS B 174 6.59 -9.57 16.86
C LYS B 174 5.58 -9.62 17.99
N THR B 175 5.18 -10.85 18.35
CA THR B 175 4.22 -11.10 19.42
C THR B 175 4.93 -11.68 20.62
N PRO B 176 4.26 -11.74 21.77
CA PRO B 176 4.88 -12.43 22.90
C PRO B 176 4.84 -13.94 22.79
N SER B 177 4.37 -14.53 21.69
CA SER B 177 4.56 -15.95 21.46
C SER B 177 5.65 -16.13 20.38
N SER B 178 5.84 -17.35 19.89
CA SER B 178 6.93 -17.52 18.93
C SER B 178 6.56 -17.07 17.53
N ASP B 179 5.26 -16.98 17.22
CA ASP B 179 4.86 -16.62 15.87
C ASP B 179 5.28 -15.19 15.56
N VAL B 180 5.76 -14.99 14.33
CA VAL B 180 5.92 -13.67 13.77
C VAL B 180 4.75 -13.52 12.80
N LEU B 181 4.08 -12.38 12.88
CA LEU B 181 2.83 -12.19 12.16
C LEU B 181 3.03 -11.18 11.02
N VAL B 182 2.28 -11.38 9.94
CA VAL B 182 2.30 -10.45 8.81
C VAL B 182 0.86 -10.05 8.50
N PHE B 183 0.60 -8.74 8.47
CA PHE B 183 -0.71 -8.22 8.12
C PHE B 183 -0.64 -7.30 6.89
N ASP B 184 -1.66 -7.37 6.05
CA ASP B 184 -1.89 -6.35 5.03
C ASP B 184 -3.02 -5.50 5.59
N TYR B 185 -2.70 -4.30 6.07
CA TYR B 185 -3.72 -3.57 6.82
C TYR B 185 -4.90 -3.15 5.95
N THR B 186 -4.74 -3.10 4.63
CA THR B 186 -5.88 -2.79 3.78
C THR B 186 -6.84 -3.96 3.63
N LYS B 187 -6.47 -5.15 4.11
CA LYS B 187 -7.38 -6.30 4.10
C LYS B 187 -8.21 -6.43 5.38
N HIS B 188 -8.22 -5.40 6.23
CA HIS B 188 -8.98 -5.42 7.49
C HIS B 188 -9.87 -4.18 7.63
N PRO B 189 -10.98 -4.28 8.34
CA PRO B 189 -11.74 -3.07 8.66
C PRO B 189 -10.89 -2.18 9.56
N SER B 190 -11.21 -0.89 9.57
CA SER B 190 -10.50 -0.02 10.52
C SER B 190 -11.03 -0.20 11.95
N LYS B 191 -12.23 -0.77 12.10
CA LYS B 191 -12.77 -1.13 13.44
C LYS B 191 -12.62 -2.63 13.70
N PRO B 192 -11.97 -3.04 14.75
CA PRO B 192 -11.76 -4.48 14.92
C PRO B 192 -13.01 -5.21 15.40
N ASP B 193 -13.10 -6.48 15.04
CA ASP B 193 -14.15 -7.35 15.56
C ASP B 193 -14.12 -7.38 17.09
N PRO B 194 -15.26 -7.21 17.76
CA PRO B 194 -15.25 -7.30 19.24
C PRO B 194 -14.85 -8.66 19.77
N SER B 195 -14.96 -9.71 18.95
CA SER B 195 -14.53 -11.04 19.36
C SER B 195 -13.04 -11.07 19.68
N GLY B 196 -12.26 -10.11 19.19
CA GLY B 196 -10.83 -10.11 19.45
C GLY B 196 -10.02 -11.08 18.61
N GLU B 197 -10.64 -11.84 17.72
CA GLU B 197 -9.92 -12.85 16.97
C GLU B 197 -8.85 -12.20 16.10
N CYS B 198 -7.62 -12.67 16.28
CA CYS B 198 -6.50 -12.20 15.47
C CYS B 198 -6.48 -13.04 14.21
N ASN B 199 -6.55 -12.38 13.06
CA ASN B 199 -6.47 -13.06 11.77
C ASN B 199 -5.34 -12.47 10.95
N PRO B 200 -4.10 -12.95 11.15
CA PRO B 200 -2.99 -12.45 10.33
C PRO B 200 -3.01 -13.05 8.94
N ASP B 201 -2.41 -12.32 7.97
CA ASP B 201 -2.29 -12.83 6.63
C ASP B 201 -1.37 -14.05 6.58
N LEU B 202 -0.24 -14.00 7.31
CA LEU B 202 0.66 -15.13 7.39
C LEU B 202 1.13 -15.29 8.83
N ARG B 203 1.45 -16.53 9.19
CA ARG B 203 2.08 -16.86 10.48
C ARG B 203 3.46 -17.41 10.18
N LEU B 204 4.49 -16.66 10.56
CA LEU B 204 5.84 -17.06 10.22
C LEU B 204 6.39 -17.88 11.39
N ARG B 205 6.71 -19.14 11.11
CA ARG B 205 7.11 -20.15 12.10
C ARG B 205 8.61 -20.38 12.10
N GLY B 206 9.13 -20.73 13.28
CA GLY B 206 10.55 -20.99 13.39
C GLY B 206 11.18 -20.64 14.71
N HIS B 207 10.71 -19.60 15.40
CA HIS B 207 11.26 -19.34 16.72
C HIS B 207 10.59 -20.23 17.77
N GLN B 208 11.22 -20.33 18.96
CA GLN B 208 10.62 -20.98 20.13
C GLN B 208 10.17 -19.99 21.18
N LYS B 209 10.49 -18.71 21.05
CA LYS B 209 10.20 -17.68 22.03
C LYS B 209 9.98 -16.36 21.31
N GLU B 210 9.39 -15.42 22.03
CA GLU B 210 9.21 -14.08 21.50
C GLU B 210 10.59 -13.43 21.28
N GLY B 211 10.55 -12.28 20.64
CA GLY B 211 11.71 -11.45 20.41
C GLY B 211 11.24 -10.05 20.07
N TYR B 212 12.20 -9.21 19.75
CA TYR B 212 12.02 -7.80 19.42
C TYR B 212 12.57 -7.41 18.05
N GLY B 213 13.69 -7.96 17.63
CA GLY B 213 14.29 -7.50 16.37
C GLY B 213 13.53 -7.99 15.16
N LEU B 214 13.40 -7.11 14.16
CA LEU B 214 12.58 -7.41 12.99
C LEU B 214 13.11 -6.52 11.88
N SER B 215 13.42 -7.08 10.72
CA SER B 215 14.00 -6.23 9.66
C SER B 215 13.62 -6.70 8.26
N TRP B 216 12.96 -5.84 7.45
CA TRP B 216 12.70 -6.14 6.06
C TRP B 216 13.91 -5.78 5.22
N ASN B 217 14.20 -6.62 4.22
CA ASN B 217 15.34 -6.38 3.36
C ASN B 217 14.97 -5.36 2.28
N PRO B 218 15.56 -4.17 2.27
CA PRO B 218 15.15 -3.17 1.25
C PRO B 218 15.62 -3.50 -0.16
N ASN B 219 16.37 -4.58 -0.37
CA ASN B 219 16.84 -4.95 -1.70
C ASN B 219 16.36 -6.31 -2.16
N LEU B 220 15.54 -6.98 -1.37
CA LEU B 220 14.91 -8.24 -1.76
C LEU B 220 13.51 -8.25 -1.17
N SER B 221 12.49 -8.06 -2.01
CA SER B 221 11.10 -8.00 -1.53
C SER B 221 10.70 -9.25 -0.76
N GLY B 222 10.10 -9.02 0.41
CA GLY B 222 9.53 -10.07 1.20
C GLY B 222 10.50 -10.84 2.09
N HIS B 223 11.79 -10.47 2.16
CA HIS B 223 12.77 -11.22 2.95
C HIS B 223 12.86 -10.54 4.30
N LEU B 224 12.40 -11.26 5.33
CA LEU B 224 12.23 -10.73 6.66
C LEU B 224 13.16 -11.49 7.59
N LEU B 225 13.91 -10.73 8.40
CA LEU B 225 14.70 -11.28 9.48
C LEU B 225 14.04 -10.93 10.80
N SER B 226 14.27 -11.80 11.79
CA SER B 226 13.69 -11.66 13.10
C SER B 226 14.60 -12.30 14.14
N ALA B 227 14.72 -11.62 15.28
CA ALA B 227 15.58 -12.04 16.37
C ALA B 227 14.71 -12.50 17.52
N SER B 228 15.17 -13.48 18.26
CA SER B 228 14.32 -14.07 19.29
C SER B 228 15.09 -14.36 20.58
N ASP B 229 14.36 -14.32 21.69
CA ASP B 229 14.92 -14.78 22.95
C ASP B 229 15.34 -16.24 22.92
N ASP B 230 15.06 -16.99 21.84
CA ASP B 230 15.51 -18.38 21.80
C ASP B 230 16.94 -18.52 21.30
N HIS B 231 17.62 -17.39 21.14
CA HIS B 231 19.04 -17.27 20.75
C HIS B 231 19.22 -17.36 19.24
N THR B 232 18.15 -17.37 18.44
CA THR B 232 18.29 -17.63 17.02
C THR B 232 17.78 -16.44 16.23
N ILE B 233 18.29 -16.29 15.01
CA ILE B 233 17.75 -15.37 14.02
C ILE B 233 17.05 -16.22 12.97
N CYS B 234 15.84 -15.83 12.59
CA CYS B 234 15.08 -16.52 11.56
C CYS B 234 14.96 -15.63 10.34
N LEU B 235 15.10 -16.24 9.17
CA LEU B 235 14.89 -15.59 7.89
C LEU B 235 13.69 -16.23 7.18
N TRP B 236 12.73 -15.42 6.75
CA TRP B 236 11.65 -15.92 5.91
C TRP B 236 11.63 -15.13 4.61
N ASP B 237 11.24 -15.83 3.51
CA ASP B 237 10.71 -15.23 2.27
C ASP B 237 9.19 -15.40 2.27
N ILE B 238 8.46 -14.31 2.53
CA ILE B 238 7.04 -14.44 2.75
C ILE B 238 6.30 -14.83 1.48
N SER B 239 6.97 -14.84 0.32
CA SER B 239 6.27 -15.22 -0.90
C SER B 239 6.14 -16.74 -1.03
N ALA B 240 6.84 -17.50 -0.18
CA ALA B 240 6.78 -18.95 -0.23
C ALA B 240 5.34 -19.45 -0.03
N VAL B 241 5.07 -20.64 -0.57
CA VAL B 241 3.73 -21.24 -0.59
C VAL B 241 3.34 -21.63 0.84
N PRO B 242 2.31 -21.01 1.39
CA PRO B 242 1.94 -21.32 2.77
C PRO B 242 1.32 -22.71 2.87
N LYS B 243 1.41 -23.28 4.07
CA LYS B 243 0.81 -24.57 4.40
C LYS B 243 -0.39 -24.36 5.32
N GLU B 244 -0.90 -25.47 5.87
CA GLU B 244 -2.09 -25.45 6.69
C GLU B 244 -1.98 -24.41 7.79
N GLY B 245 -2.85 -23.40 7.72
CA GLY B 245 -2.89 -22.34 8.71
C GLY B 245 -2.29 -21.03 8.27
N LYS B 246 -2.08 -20.81 6.96
CA LYS B 246 -1.32 -19.65 6.46
C LYS B 246 0.10 -19.63 7.03
N VAL B 247 0.73 -20.79 7.19
CA VAL B 247 1.99 -20.90 7.93
C VAL B 247 3.16 -21.04 6.95
N VAL B 248 4.18 -20.21 7.14
CA VAL B 248 5.42 -20.26 6.36
C VAL B 248 6.53 -20.62 7.33
N ASP B 249 7.23 -21.72 7.06
CA ASP B 249 8.36 -22.10 7.89
C ASP B 249 9.60 -21.30 7.51
N ALA B 250 10.46 -21.06 8.49
CA ALA B 250 11.70 -20.32 8.27
C ALA B 250 12.47 -20.89 7.09
N LYS B 251 12.98 -20.01 6.22
CA LYS B 251 13.87 -20.49 5.17
C LYS B 251 15.23 -20.86 5.73
N THR B 252 15.74 -20.07 6.68
CA THR B 252 17.02 -20.29 7.32
C THR B 252 16.94 -19.84 8.78
N ILE B 253 17.70 -20.50 9.64
CA ILE B 253 17.81 -20.14 11.05
C ILE B 253 19.29 -19.98 11.36
N PHE B 254 19.68 -18.82 11.89
CA PHE B 254 21.08 -18.53 12.20
C PHE B 254 21.29 -18.70 13.71
N THR B 255 22.30 -19.45 14.10
CA THR B 255 22.45 -19.87 15.48
C THR B 255 23.80 -19.48 16.08
N GLY B 256 24.43 -18.43 15.57
CA GLY B 256 25.74 -18.05 16.06
C GLY B 256 25.73 -17.54 17.50
N HIS B 257 24.66 -16.86 17.91
CA HIS B 257 24.65 -16.25 19.23
C HIS B 257 24.45 -17.31 20.32
N THR B 258 25.01 -17.02 21.50
CA THR B 258 24.87 -17.92 22.64
C THR B 258 23.87 -17.44 23.69
N ALA B 259 23.10 -16.38 23.42
CA ALA B 259 22.10 -15.89 24.37
C ALA B 259 21.03 -15.14 23.58
N VAL B 260 20.09 -14.51 24.31
CA VAL B 260 18.99 -13.74 23.74
C VAL B 260 19.50 -12.79 22.66
N VAL B 261 18.95 -12.88 21.47
CA VAL B 261 19.33 -11.98 20.38
C VAL B 261 18.36 -10.80 20.44
N GLU B 262 18.87 -9.59 20.65
CA GLU B 262 18.01 -8.45 20.93
C GLU B 262 17.59 -7.73 19.67
N ASP B 263 18.46 -7.65 18.67
CA ASP B 263 18.05 -6.91 17.48
C ASP B 263 18.70 -7.53 16.26
N VAL B 264 18.11 -7.26 15.10
CA VAL B 264 18.70 -7.69 13.82
C VAL B 264 18.35 -6.65 12.77
N SER B 265 19.23 -6.48 11.78
CA SER B 265 18.99 -5.42 10.79
C SER B 265 19.74 -5.76 9.51
N TRP B 266 19.05 -5.68 8.36
CA TRP B 266 19.72 -5.84 7.08
C TRP B 266 20.63 -4.66 6.82
N HIS B 267 21.71 -4.92 6.08
CA HIS B 267 22.46 -3.83 5.48
C HIS B 267 21.57 -3.10 4.47
N LEU B 268 21.77 -1.79 4.37
CA LEU B 268 20.85 -1.02 3.53
C LEU B 268 21.25 -1.06 2.07
N LEU B 269 22.43 -1.60 1.72
CA LEU B 269 22.87 -1.66 0.32
C LEU B 269 23.20 -3.06 -0.17
N HIS B 270 23.77 -3.91 0.65
CA HIS B 270 24.16 -5.22 0.18
C HIS B 270 23.12 -6.24 0.62
N GLU B 271 22.36 -6.77 -0.34
CA GLU B 271 21.20 -7.60 -0.08
C GLU B 271 21.54 -8.90 0.64
N SER B 272 22.80 -9.30 0.68
CA SER B 272 23.11 -10.54 1.37
C SER B 272 23.67 -10.34 2.78
N LEU B 273 23.79 -9.09 3.26
CA LEU B 273 24.48 -8.78 4.52
C LEU B 273 23.51 -8.33 5.61
N PHE B 274 23.76 -8.76 6.83
CA PHE B 274 22.94 -8.30 7.96
C PHE B 274 23.74 -8.42 9.25
N GLY B 275 23.29 -7.67 10.26
CA GLY B 275 23.95 -7.64 11.54
C GLY B 275 22.95 -7.97 12.64
N SER B 276 23.50 -8.46 13.75
CA SER B 276 22.71 -8.85 14.93
C SER B 276 23.51 -8.52 16.19
N VAL B 277 22.80 -8.32 17.29
CA VAL B 277 23.40 -8.00 18.59
C VAL B 277 22.58 -8.78 19.61
N ALA B 278 23.24 -9.19 20.69
CA ALA B 278 22.62 -10.13 21.61
C ALA B 278 23.12 -9.90 23.03
N ASP B 279 22.46 -10.56 23.98
CA ASP B 279 22.86 -10.50 25.37
C ASP B 279 24.22 -11.14 25.63
N ASP B 280 24.81 -11.83 24.65
CA ASP B 280 26.18 -12.32 24.83
C ASP B 280 27.22 -11.21 24.60
N GLN B 281 26.77 -9.94 24.46
CA GLN B 281 27.61 -8.74 24.41
C GLN B 281 28.28 -8.60 23.06
N LYS B 282 27.80 -9.35 22.05
CA LYS B 282 28.44 -9.47 20.76
C LYS B 282 27.65 -8.75 19.67
N LEU B 283 28.39 -8.20 18.71
CA LEU B 283 27.88 -7.78 17.41
C LEU B 283 28.40 -8.78 16.39
N MET B 284 27.47 -9.33 15.59
CA MET B 284 27.78 -10.30 14.55
C MET B 284 27.30 -9.82 13.20
N ILE B 285 28.11 -10.13 12.19
CA ILE B 285 27.84 -9.73 10.82
C ILE B 285 27.71 -11.01 10.03
N TRP B 286 26.59 -11.15 9.35
CA TRP B 286 26.22 -12.38 8.68
C TRP B 286 26.14 -12.14 7.19
N ASP B 287 26.40 -13.20 6.42
CA ASP B 287 26.28 -13.17 4.97
C ASP B 287 25.39 -14.32 4.57
N THR B 288 24.21 -14.01 4.00
CA THR B 288 23.27 -15.05 3.58
C THR B 288 23.84 -15.99 2.53
N ARG B 289 24.96 -15.62 1.90
CA ARG B 289 25.60 -16.49 0.94
C ARG B 289 26.41 -17.60 1.58
N SER B 290 26.81 -17.45 2.84
CA SER B 290 27.57 -18.49 3.53
C SER B 290 26.65 -19.63 3.94
N ASN B 291 27.00 -20.85 3.57
CA ASN B 291 26.17 -22.00 3.92
C ASN B 291 26.48 -22.57 5.30
N ASN B 292 27.20 -21.82 6.14
CA ASN B 292 27.42 -22.17 7.54
C ASN B 292 26.55 -21.22 8.37
N THR B 293 25.37 -21.69 8.78
CA THR B 293 24.44 -20.85 9.52
C THR B 293 24.70 -20.90 11.03
N SER B 294 25.84 -21.45 11.48
CA SER B 294 26.16 -21.45 12.90
C SER B 294 27.28 -20.50 13.26
N LYS B 295 27.86 -19.79 12.32
CA LYS B 295 29.04 -18.96 12.53
C LYS B 295 28.99 -17.73 11.62
N PRO B 296 28.97 -16.54 12.18
CA PRO B 296 28.87 -15.33 11.36
C PRO B 296 30.17 -15.07 10.63
N SER B 297 30.12 -14.14 9.69
CA SER B 297 31.38 -13.80 9.03
C SER B 297 32.27 -12.96 9.94
N HIS B 298 31.69 -12.17 10.84
CA HIS B 298 32.45 -11.45 11.85
C HIS B 298 31.71 -11.49 13.19
N SER B 299 32.45 -11.32 14.27
CA SER B 299 31.90 -11.19 15.61
C SER B 299 32.83 -10.30 16.40
N VAL B 300 32.27 -9.48 17.27
CA VAL B 300 33.06 -8.53 18.01
C VAL B 300 32.48 -8.40 19.40
N ASP B 301 33.35 -8.34 20.38
CA ASP B 301 32.90 -8.06 21.74
C ASP B 301 32.64 -6.56 21.79
N ALA B 302 31.36 -6.21 21.65
CA ALA B 302 30.90 -4.86 21.37
C ALA B 302 30.85 -3.96 22.58
N HIS B 303 30.44 -4.52 23.73
CA HIS B 303 30.09 -3.76 24.90
C HIS B 303 30.36 -4.63 26.14
N THR B 304 30.27 -4.01 27.30
CA THR B 304 30.48 -4.75 28.57
C THR B 304 29.18 -5.26 29.18
N ALA B 305 28.08 -5.13 28.45
CA ALA B 305 26.80 -5.68 28.90
C ALA B 305 25.98 -6.02 27.66
N GLU B 306 24.68 -6.25 27.87
CA GLU B 306 23.83 -6.68 26.77
C GLU B 306 23.78 -5.58 25.73
N VAL B 307 23.72 -5.99 24.48
CA VAL B 307 23.54 -5.02 23.37
C VAL B 307 22.16 -5.24 22.79
N ASN B 308 21.37 -4.16 22.78
CA ASN B 308 19.94 -4.18 22.56
C ASN B 308 19.53 -3.71 21.16
N CYS B 309 20.38 -2.99 20.43
CA CYS B 309 19.93 -2.38 19.17
C CYS B 309 21.13 -2.11 18.29
N LEU B 310 20.86 -2.01 16.99
CA LEU B 310 21.89 -1.65 16.04
C LEU B 310 21.19 -0.91 14.91
N SER B 311 21.97 -0.12 14.19
CA SER B 311 21.43 0.71 13.13
C SER B 311 22.57 0.96 12.16
N PHE B 312 22.31 0.72 10.88
CA PHE B 312 23.29 1.03 9.84
C PHE B 312 23.13 2.47 9.36
N ASN B 313 24.27 3.13 9.13
CA ASN B 313 24.26 4.49 8.69
C ASN B 313 23.73 4.49 7.25
N PRO B 314 22.67 5.26 6.94
CA PRO B 314 22.08 5.20 5.59
C PRO B 314 22.93 5.87 4.51
N TYR B 315 24.00 6.58 4.87
CA TYR B 315 24.87 7.30 3.93
C TYR B 315 26.27 6.73 3.80
N SER B 316 26.77 6.03 4.82
CA SER B 316 28.14 5.52 4.87
C SER B 316 28.06 4.01 5.03
N GLU B 317 28.30 3.26 3.96
CA GLU B 317 27.99 1.83 3.94
C GLU B 317 28.83 0.99 4.89
N PHE B 318 29.89 1.53 5.48
CA PHE B 318 30.69 0.73 6.41
C PHE B 318 30.40 1.03 7.88
N ILE B 319 29.54 1.99 8.17
CA ILE B 319 29.40 2.57 9.51
C ILE B 319 28.09 2.10 10.11
N LEU B 320 28.13 1.68 11.37
CA LEU B 320 26.88 1.35 12.07
C LEU B 320 27.11 1.57 13.57
N ALA B 321 26.01 1.62 14.31
CA ALA B 321 26.05 1.97 15.72
C ALA B 321 25.29 0.88 16.49
N THR B 322 25.69 0.66 17.76
CA THR B 322 25.00 -0.26 18.65
C THR B 322 24.68 0.49 19.92
N GLY B 323 23.56 0.15 20.56
CA GLY B 323 23.24 0.67 21.87
C GLY B 323 23.18 -0.45 22.89
N SER B 324 23.59 -0.14 24.11
CA SER B 324 23.85 -1.19 25.09
C SER B 324 23.24 -0.88 26.46
N ALA B 325 23.02 -1.95 27.24
CA ALA B 325 22.76 -1.79 28.64
C ALA B 325 23.95 -1.18 29.36
N ASP B 326 25.15 -1.15 28.75
CA ASP B 326 26.25 -0.53 29.48
C ASP B 326 26.17 0.99 29.42
N LYS B 327 25.10 1.53 28.84
CA LYS B 327 24.73 2.94 28.82
C LYS B 327 25.44 3.71 27.71
N THR B 328 26.11 3.03 26.79
CA THR B 328 26.84 3.71 25.75
C THR B 328 26.25 3.33 24.40
N VAL B 329 26.53 4.19 23.42
CA VAL B 329 26.34 3.89 22.00
C VAL B 329 27.72 3.75 21.39
N ALA B 330 27.97 2.65 20.70
CA ALA B 330 29.26 2.41 20.09
C ALA B 330 29.18 2.61 18.59
N LEU B 331 30.27 3.13 18.00
CA LEU B 331 30.37 3.46 16.59
C LEU B 331 31.34 2.48 15.96
N TRP B 332 30.94 1.84 14.88
CA TRP B 332 31.67 0.71 14.32
C TRP B 332 31.95 0.94 12.85
N ASP B 333 33.08 0.39 12.40
CA ASP B 333 33.47 0.35 11.01
C ASP B 333 33.55 -1.12 10.62
N LEU B 334 32.67 -1.53 9.70
CA LEU B 334 32.61 -2.90 9.18
C LEU B 334 33.97 -3.44 8.79
N ARG B 335 34.82 -2.61 8.22
CA ARG B 335 36.09 -3.12 7.74
C ARG B 335 37.07 -3.44 8.86
N ASN B 336 36.84 -2.95 10.08
CA ASN B 336 37.81 -3.19 11.14
C ASN B 336 37.09 -3.12 12.48
N LEU B 337 36.31 -4.16 12.79
CA LEU B 337 35.50 -4.17 14.00
C LEU B 337 36.31 -4.45 15.26
N LYS B 338 37.59 -4.80 15.12
CA LYS B 338 38.39 -4.98 16.32
C LYS B 338 38.50 -3.69 17.10
N LEU B 339 38.43 -2.55 16.43
CA LEU B 339 38.66 -1.25 17.07
C LEU B 339 37.34 -0.48 17.00
N LYS B 340 36.65 -0.38 18.13
CA LYS B 340 35.49 0.49 18.22
C LYS B 340 35.90 1.91 17.81
N LEU B 341 35.08 2.56 16.97
CA LEU B 341 35.46 3.88 16.46
C LEU B 341 35.28 4.96 17.51
N HIS B 342 34.24 4.85 18.31
CA HIS B 342 33.91 5.88 19.27
C HIS B 342 32.90 5.29 20.26
N SER B 343 32.85 5.89 21.46
CA SER B 343 31.83 5.56 22.45
CA SER B 343 31.83 5.56 22.45
C SER B 343 31.14 6.85 22.88
N PHE B 344 29.83 6.91 22.68
CA PHE B 344 29.01 8.07 23.02
C PHE B 344 28.48 7.81 24.43
N GLU B 345 28.86 8.68 25.36
CA GLU B 345 28.57 8.53 26.77
C GLU B 345 27.76 9.73 27.21
N SER B 346 26.62 9.47 27.87
CA SER B 346 25.84 10.50 28.55
C SER B 346 24.59 9.89 29.16
N HIS B 347 24.12 8.79 28.60
CA HIS B 347 22.92 8.15 29.10
C HIS B 347 23.18 7.63 30.51
N LYS B 348 22.17 7.67 31.37
CA LYS B 348 22.34 7.22 32.75
C LYS B 348 21.79 5.82 32.96
N ASP B 349 21.36 5.14 31.91
CA ASP B 349 20.81 3.81 32.06
C ASP B 349 20.79 3.15 30.69
N GLU B 350 20.23 1.97 30.64
CA GLU B 350 20.18 1.14 29.45
C GLU B 350 19.61 1.87 28.22
N ILE B 351 20.24 1.65 27.06
CA ILE B 351 19.79 2.16 25.77
C ILE B 351 19.12 1.00 25.02
N PHE B 352 17.89 1.24 24.51
CA PHE B 352 17.18 0.20 23.78
C PHE B 352 16.97 0.49 22.32
N GLN B 353 17.19 1.73 21.88
CA GLN B 353 17.00 2.04 20.48
C GLN B 353 18.02 3.07 20.05
N VAL B 354 18.50 2.90 18.83
CA VAL B 354 19.43 3.80 18.17
C VAL B 354 18.99 3.90 16.70
N GLN B 355 18.89 5.11 16.16
CA GLN B 355 18.50 5.34 14.76
C GLN B 355 19.28 6.52 14.16
N TRP B 356 19.85 6.30 12.99
CA TRP B 356 20.45 7.42 12.27
C TRP B 356 19.36 8.34 11.72
N SER B 357 19.68 9.63 11.59
CA SER B 357 18.78 10.56 10.90
C SER B 357 18.64 10.12 9.45
N PRO B 358 17.42 10.10 8.89
CA PRO B 358 17.29 9.81 7.45
C PRO B 358 17.82 10.94 6.56
N HIS B 359 18.03 12.14 7.11
CA HIS B 359 18.37 13.31 6.33
C HIS B 359 19.81 13.77 6.48
N ASN B 360 20.44 13.54 7.65
CA ASN B 360 21.74 14.14 7.97
C ASN B 360 22.70 13.02 8.37
N GLU B 361 23.72 12.81 7.55
CA GLU B 361 24.62 11.67 7.69
C GLU B 361 25.43 11.65 8.97
N THR B 362 25.56 12.76 9.69
CA THR B 362 26.36 12.74 10.92
C THR B 362 25.52 12.71 12.19
N ILE B 363 24.19 12.59 12.05
CA ILE B 363 23.25 12.72 13.15
C ILE B 363 22.71 11.35 13.51
N LEU B 364 22.73 11.05 14.82
CA LEU B 364 22.33 9.78 15.40
C LEU B 364 21.50 10.07 16.65
N ALA B 365 20.51 9.23 16.93
CA ALA B 365 19.74 9.39 18.16
C ALA B 365 19.67 8.08 18.93
N SER B 366 19.46 8.19 20.26
CA SER B 366 19.39 7.04 21.15
C SER B 366 18.40 7.31 22.28
N SER B 367 17.78 6.25 22.77
CA SER B 367 16.83 6.40 23.85
C SER B 367 16.87 5.16 24.71
N GLY B 368 16.35 5.29 25.93
CA GLY B 368 16.13 4.09 26.73
C GLY B 368 15.50 4.34 28.07
N THR B 369 15.97 3.57 29.03
CA THR B 369 15.36 3.51 30.35
C THR B 369 15.67 4.73 31.20
N ASP B 370 16.66 5.53 30.87
CA ASP B 370 16.85 6.75 31.65
C ASP B 370 15.87 7.87 31.28
N ARG B 371 14.84 7.57 30.49
CA ARG B 371 13.77 8.52 30.15
C ARG B 371 14.27 9.69 29.31
N ARG B 372 15.42 9.53 28.65
CA ARG B 372 16.00 10.58 27.83
C ARG B 372 16.21 10.07 26.41
N LEU B 373 16.03 10.97 25.44
CA LEU B 373 16.35 10.74 24.05
C LEU B 373 17.48 11.72 23.73
N ASN B 374 18.66 11.16 23.47
CA ASN B 374 19.87 11.90 23.18
C ASN B 374 20.06 11.95 21.67
N VAL B 375 20.41 13.14 21.17
CA VAL B 375 20.73 13.33 19.76
C VAL B 375 22.21 13.70 19.65
N TRP B 376 22.94 12.96 18.84
CA TRP B 376 24.39 13.09 18.71
C TRP B 376 24.77 13.61 17.34
N ASP B 377 25.91 14.31 17.28
CA ASP B 377 26.46 14.81 16.03
C ASP B 377 27.92 14.35 15.94
N LEU B 378 28.17 13.41 15.03
CA LEU B 378 29.50 12.86 14.87
C LEU B 378 30.49 13.93 14.46
N SER B 379 30.01 14.99 13.80
CA SER B 379 30.93 16.03 13.33
C SER B 379 31.56 16.81 14.50
N LYS B 380 30.94 16.82 15.67
CA LYS B 380 31.46 17.57 16.81
C LYS B 380 32.41 16.75 17.67
N ILE B 381 32.78 15.55 17.22
CA ILE B 381 33.70 14.70 17.97
C ILE B 381 35.10 15.31 17.90
N GLY B 382 35.67 15.64 19.06
CA GLY B 382 37.02 16.20 19.12
C GLY B 382 37.12 17.67 19.48
N GLU B 383 36.01 18.41 19.49
CA GLU B 383 36.02 19.83 19.79
C GLU B 383 36.30 20.11 21.27
N GLU B 384 36.91 21.27 21.52
CA GLU B 384 37.32 21.67 22.87
C GLU B 384 36.23 22.44 23.60
N ASP B 389 31.76 24.73 30.69
CA ASP B 389 30.79 24.21 29.72
C ASP B 389 30.95 22.70 29.59
N ALA B 390 32.16 22.22 29.87
CA ALA B 390 32.46 20.80 29.69
C ALA B 390 31.60 19.94 30.59
N GLU B 391 31.19 20.47 31.73
CA GLU B 391 30.52 19.65 32.74
C GLU B 391 29.25 19.03 32.19
N ASP B 392 28.38 19.84 31.58
CA ASP B 392 27.02 19.41 31.26
C ASP B 392 26.90 18.64 29.93
N GLY B 393 28.00 18.10 29.41
CA GLY B 393 27.95 17.20 28.27
C GLY B 393 29.14 17.30 27.32
N PRO B 394 29.48 16.20 26.67
CA PRO B 394 30.53 16.21 25.63
C PRO B 394 30.06 16.96 24.40
N PRO B 395 31.00 17.29 23.50
CA PRO B 395 30.67 18.19 22.38
C PRO B 395 29.76 17.56 21.34
N GLU B 396 29.80 16.24 21.17
CA GLU B 396 29.00 15.52 20.19
C GLU B 396 27.56 15.26 20.64
N LEU B 397 27.22 15.56 21.89
CA LEU B 397 25.84 15.47 22.36
C LEU B 397 25.14 16.76 21.93
N LEU B 398 24.22 16.65 20.99
CA LEU B 398 23.64 17.86 20.43
C LEU B 398 22.42 18.30 21.21
N PHE B 399 21.64 17.35 21.74
CA PHE B 399 20.36 17.69 22.34
C PHE B 399 19.95 16.56 23.27
N ILE B 400 19.36 16.92 24.41
CA ILE B 400 18.71 15.96 25.31
C ILE B 400 17.22 16.25 25.32
N HIS B 401 16.44 15.27 24.91
CA HIS B 401 14.99 15.43 24.94
C HIS B 401 14.50 14.88 26.26
N GLY B 402 14.00 15.76 27.13
CA GLY B 402 13.59 15.37 28.47
C GLY B 402 12.10 15.37 28.67
N GLY B 403 11.33 15.29 27.58
CA GLY B 403 9.89 15.40 27.69
C GLY B 403 9.19 14.18 28.26
N HIS B 404 9.86 13.03 28.31
CA HIS B 404 9.23 11.83 28.82
C HIS B 404 9.53 11.67 30.30
N THR B 405 8.55 11.11 31.00
CA THR B 405 8.68 10.86 32.43
C THR B 405 8.67 9.38 32.76
N ALA B 406 8.81 8.51 31.77
CA ALA B 406 8.98 7.08 31.97
C ALA B 406 9.96 6.61 30.93
N LYS B 407 10.35 5.33 31.00
CA LYS B 407 11.27 4.77 29.99
C LYS B 407 10.73 4.95 28.56
N ILE B 408 11.61 5.39 27.65
CA ILE B 408 11.27 5.45 26.23
C ILE B 408 11.41 4.06 25.62
N SER B 409 10.35 3.59 24.95
CA SER B 409 10.33 2.25 24.37
C SER B 409 10.80 2.21 22.91
N ASP B 410 10.48 3.24 22.13
CA ASP B 410 10.87 3.26 20.72
C ASP B 410 10.75 4.68 20.22
N PHE B 411 11.34 4.95 19.05
CA PHE B 411 11.16 6.25 18.46
C PHE B 411 11.51 6.12 16.98
N SER B 412 11.04 7.09 16.20
CA SER B 412 11.19 7.06 14.75
C SER B 412 11.43 8.46 14.20
N TRP B 413 12.45 8.61 13.35
CA TRP B 413 12.64 9.91 12.73
C TRP B 413 11.65 10.05 11.61
N ASN B 414 10.98 11.21 11.53
CA ASN B 414 10.01 11.44 10.46
C ASN B 414 10.74 11.54 9.12
N PRO B 415 10.41 10.71 8.11
CA PRO B 415 11.24 10.70 6.92
C PRO B 415 10.93 11.83 5.94
N ASN B 416 9.83 12.57 6.17
CA ASN B 416 9.40 13.65 5.29
C ASN B 416 9.57 15.02 5.91
N GLU B 417 9.81 15.13 7.21
CA GLU B 417 9.99 16.40 7.90
C GLU B 417 11.30 16.33 8.67
N PRO B 418 12.37 16.91 8.13
CA PRO B 418 13.68 16.87 8.81
C PRO B 418 13.57 17.33 10.26
N TRP B 419 14.19 16.56 11.15
CA TRP B 419 14.36 16.82 12.57
C TRP B 419 13.07 16.55 13.38
N VAL B 420 11.99 16.08 12.78
CA VAL B 420 10.84 15.66 13.58
C VAL B 420 11.05 14.22 14.02
N ILE B 421 10.82 13.97 15.32
CA ILE B 421 10.84 12.63 15.89
C ILE B 421 9.52 12.33 16.62
N CYS B 422 9.04 11.09 16.47
CA CYS B 422 8.03 10.51 17.35
C CYS B 422 8.71 9.57 18.35
N SER B 423 8.46 9.78 19.64
CA SER B 423 8.95 8.86 20.65
C SER B 423 7.80 8.45 21.57
N VAL B 424 7.86 7.20 22.07
CA VAL B 424 6.78 6.62 22.87
C VAL B 424 7.36 6.06 24.16
N SER B 425 6.64 6.21 25.27
CA SER B 425 7.16 5.78 26.57
C SER B 425 6.17 4.87 27.28
N GLU B 426 6.66 4.27 28.38
CA GLU B 426 5.95 3.24 29.12
C GLU B 426 4.74 3.77 29.85
N ASP B 427 4.70 5.05 30.09
CA ASP B 427 3.58 5.67 30.76
C ASP B 427 2.51 6.13 29.76
N ASN B 428 2.48 5.55 28.55
CA ASN B 428 1.43 5.71 27.52
C ASN B 428 1.63 6.99 26.70
N ILE B 429 2.65 7.79 26.96
CA ILE B 429 2.78 9.05 26.25
C ILE B 429 3.43 8.82 24.89
N MET B 430 2.84 9.41 23.85
CA MET B 430 3.47 9.57 22.54
C MET B 430 3.79 11.06 22.37
N GLN B 431 5.03 11.38 22.01
CA GLN B 431 5.40 12.76 21.74
C GLN B 431 5.91 12.87 20.31
N VAL B 432 5.44 13.88 19.60
CA VAL B 432 5.99 14.25 18.30
C VAL B 432 6.65 15.60 18.48
N TRP B 433 7.95 15.68 18.22
CA TRP B 433 8.62 16.91 18.61
C TRP B 433 9.74 17.25 17.63
N GLN B 434 10.14 18.50 17.67
CA GLN B 434 11.25 18.98 16.85
C GLN B 434 12.04 19.99 17.65
N MET B 435 13.33 19.74 17.80
CA MET B 435 14.16 20.70 18.52
C MET B 435 14.27 22.01 17.73
N ALA B 436 14.62 23.06 18.44
CA ALA B 436 14.69 24.38 17.84
C ALA B 436 15.80 24.44 16.79
N GLU B 437 15.47 25.08 15.66
CA GLU B 437 16.40 25.13 14.54
C GLU B 437 17.74 25.74 14.93
N ASN B 438 17.71 26.75 15.82
CA ASN B 438 18.94 27.34 16.33
C ASN B 438 19.93 26.29 16.83
N ILE B 439 19.44 25.16 17.32
CA ILE B 439 20.34 24.18 17.96
C ILE B 439 21.17 23.40 16.94
N TYR B 440 20.62 23.10 15.77
CA TYR B 440 21.37 22.36 14.75
C TYR B 440 21.79 23.24 13.57
N ASN B 441 21.38 24.50 13.52
CA ASN B 441 21.69 25.39 12.40
C ASN B 441 22.19 26.73 12.93
N ASP B 442 23.50 26.83 13.13
CA ASP B 442 24.10 28.07 13.60
C ASP B 442 24.52 28.95 12.43
N ARG C 3 13.64 -6.52 32.06
CA ARG C 3 13.55 -7.08 30.71
C ARG C 3 13.48 -5.94 29.71
N ARG C 4 13.02 -6.25 28.50
CA ARG C 4 12.73 -5.19 27.57
C ARG C 4 11.43 -4.47 27.91
N LYS C 5 10.53 -5.08 28.70
CA LYS C 5 9.20 -4.49 28.79
C LYS C 5 8.61 -4.63 30.18
N GLN C 6 7.82 -3.64 30.55
CA GLN C 6 7.23 -3.61 31.88
C GLN C 6 6.25 -4.77 32.08
N GLU C 7 6.14 -5.19 33.33
CA GLU C 7 5.30 -6.34 33.63
C GLU C 7 3.83 -5.98 33.50
N GLN C 8 3.44 -4.81 33.98
CA GLN C 8 2.03 -4.47 34.10
C GLN C 8 1.76 -3.05 33.63
N PRO C 9 1.59 -2.86 32.33
CA PRO C 9 1.15 -1.55 31.82
C PRO C 9 -0.15 -1.09 32.46
N LYS C 10 -0.29 0.22 32.54
CA LYS C 10 -1.42 0.87 33.18
C LYS C 10 -2.31 1.54 32.13
N ARG C 11 -3.60 1.57 32.37
CA ARG C 11 -4.53 2.09 31.37
C ARG C 11 -4.82 3.58 31.58
N LEU C 12 -5.06 4.29 30.48
CA LEU C 12 -5.53 5.68 30.56
C LEU C 12 -7.01 5.83 30.14
N ARG D 3 -14.18 -4.87 -0.91
CA ARG D 3 -15.21 -5.86 -1.24
C ARG D 3 -15.05 -6.40 -2.67
N ARG D 4 -14.45 -5.59 -3.55
CA ARG D 4 -14.35 -5.96 -4.95
C ARG D 4 -13.29 -7.04 -5.17
N LYS D 5 -12.17 -6.99 -4.46
CA LYS D 5 -11.03 -7.86 -4.74
C LYS D 5 -11.16 -9.16 -3.97
N GLN D 6 -10.78 -10.26 -4.62
CA GLN D 6 -10.84 -11.58 -4.02
C GLN D 6 -9.78 -11.69 -2.93
N GLU D 7 -10.04 -12.56 -1.97
CA GLU D 7 -9.20 -12.60 -0.78
C GLU D 7 -7.87 -13.31 -1.03
N GLN D 8 -7.84 -14.33 -1.87
CA GLN D 8 -6.64 -15.12 -2.08
C GLN D 8 -6.39 -15.42 -3.55
N PRO D 9 -5.89 -14.47 -4.31
CA PRO D 9 -5.42 -14.78 -5.66
C PRO D 9 -4.38 -15.90 -5.64
N LYS D 10 -4.43 -16.75 -6.67
CA LYS D 10 -3.55 -17.91 -6.83
C LYS D 10 -2.49 -17.66 -7.90
N ARG D 11 -1.26 -18.10 -7.64
CA ARG D 11 -0.20 -18.16 -8.64
C ARG D 11 -0.38 -19.39 -9.52
N LEU D 12 0.06 -19.30 -10.77
CA LEU D 12 0.18 -20.48 -11.64
C LEU D 12 1.64 -20.69 -12.05
#